data_4CA5
#
_entry.id   4CA5
#
_cell.length_a   56.430
_cell.length_b   84.980
_cell.length_c   133.900
_cell.angle_alpha   90.00
_cell.angle_beta   90.00
_cell.angle_gamma   90.00
#
_symmetry.space_group_name_H-M   'P 21 21 21'
#
loop_
_entity.id
_entity.type
_entity.pdbx_description
1 polymer 'ANGIOTENSIN-CONVERTING ENZYME'
2 branched 2-acetamido-2-deoxy-beta-D-glucopyranose-(1-4)-[alpha-L-fucopyranose-(1-6)]2-acetamido-2-deoxy-beta-D-glucopyranose
3 non-polymer 'ZINC ION'
4 non-polymer 'CHLORIDE ION'
5 non-polymer 'ACETATE ION'
6 non-polymer DI(HYDROXYETHYL)ETHER
7 non-polymer N-{(2S)-3-[(S)-[(1R)-1-{[(benzyloxy)carbonyl]amino}-2-phenylethyl](hydroxy)phosphoryl]-2-[(3-phenyl-1,2-oxazol-5-yl)methyl]propanoyl}-L-tyrosine
8 non-polymer 2-acetamido-2-deoxy-beta-D-glucopyranose
9 water water
#
_entity_poly.entity_id   1
_entity_poly.type   'polypeptide(L)'
_entity_poly.pdbx_seq_one_letter_code
;LVTDEAEASKFVEEYDRTSQVVWNEYAEANWNYNTNITTETSKILLQKNMQIANHTLKYGTQARKFDVNQLQNTTIKRII
KKVQDLERAALPAQELEEYNKILLDMETTYSVATVCHPNGSCLQLEPDLTNVMATSRKYEDLLWAWEGWRDKAGRAILQF
YPKYVELINQAARLNGYVDAGDSWRSMYETPSLEQDLERLFQELQPLYLNLHAYVRRALHRHYGAQHINLEGPIPAHLLG
NMWAQTWSNIYDLVVPFPSAPSMDTTEAMLKQGWTPRRMFKEADDFFTSLGLLPVPPEFWNKSMLEKPTDGREVVCHASA
WDFYNGKDFRIKQCTTVNLEDLVVAHHEMGHIQYFMQYKDLPVALREGANPGFHEAIGDVLALSVSTPKHLHSLNLLSSE
GGSDEHDINFLMKMALDKIAFIPFSYLVDQWRWRVFDGSITKENYNQEWWSLRLKYQGLCPPVPRTQGDFDPGAKFHIPS
SVPYIRYFVSFIIQFQFHEALCQAAGHTGPLHKCDIYQSKEAGQRLATAMKLGFSRPWPEAMQLITGQPNMSASAMLSYF
KPLLDWLRTENELHGEKLGWPQYNWTPNS
;
_entity_poly.pdbx_strand_id   A
#
loop_
_chem_comp.id
_chem_comp.type
_chem_comp.name
_chem_comp.formula
3EF non-polymer N-{(2S)-3-[(S)-[(1R)-1-{[(benzyloxy)carbonyl]amino}-2-phenylethyl](hydroxy)phosphoryl]-2-[(3-phenyl-1,2-oxazol-5-yl)methyl]propanoyl}-L-tyrosine 'C38 H38 N3 O9 P'
ACT non-polymer 'ACETATE ION' 'C2 H3 O2 -1'
CL non-polymer 'CHLORIDE ION' 'Cl -1'
FUC L-saccharide, alpha linking alpha-L-fucopyranose 'C6 H12 O5'
NAG D-saccharide, beta linking 2-acetamido-2-deoxy-beta-D-glucopyranose 'C8 H15 N O6'
PEG non-polymer DI(HYDROXYETHYL)ETHER 'C4 H10 O3'
ZN non-polymer 'ZINC ION' 'Zn 2'
#
# COMPACT_ATOMS: atom_id res chain seq x y z
N ASP A 4 -4.53 41.60 0.35
CA ASP A 4 -3.10 41.68 -0.06
C ASP A 4 -2.24 40.59 0.61
N GLU A 5 -0.92 40.71 0.44
CA GLU A 5 0.04 39.72 0.90
C GLU A 5 0.09 39.54 2.42
N ALA A 6 -0.11 40.64 3.15
CA ALA A 6 -0.04 40.65 4.61
C ALA A 6 -1.19 39.87 5.25
N GLU A 7 -2.40 40.08 4.75
CA GLU A 7 -3.58 39.39 5.25
C GLU A 7 -3.50 37.89 4.96
N ALA A 8 -2.87 37.54 3.84
CA ALA A 8 -2.73 36.14 3.42
C ALA A 8 -1.76 35.35 4.31
N SER A 9 -0.59 35.92 4.62
CA SER A 9 0.35 35.23 5.52
C SER A 9 -0.16 35.17 6.97
N LYS A 10 -0.95 36.17 7.40
CA LYS A 10 -1.61 36.14 8.71
C LYS A 10 -2.63 35.00 8.78
N PHE A 11 -3.42 34.85 7.72
CA PHE A 11 -4.38 33.76 7.63
C PHE A 11 -3.72 32.39 7.74
N VAL A 12 -2.61 32.17 7.02
CA VAL A 12 -1.98 30.84 7.06
C VAL A 12 -1.33 30.56 8.43
N GLU A 13 -0.80 31.61 9.09
CA GLU A 13 -0.29 31.49 10.45
C GLU A 13 -1.39 31.02 11.39
N GLU A 14 -2.55 31.67 11.31
CA GLU A 14 -3.68 31.30 12.16
C GLU A 14 -4.18 29.89 11.85
N TYR A 15 -4.29 29.57 10.56
CA TYR A 15 -4.70 28.23 10.15
C TYR A 15 -3.75 27.18 10.74
N ASP A 16 -2.45 27.42 10.68
CA ASP A 16 -1.48 26.44 11.18
C ASP A 16 -1.59 26.16 12.70
N ARG A 17 -1.72 27.21 13.50
CA ARG A 17 -1.85 27.08 14.97
C ARG A 17 -3.07 26.29 15.37
N THR A 18 -4.20 26.70 14.80
CA THR A 18 -5.49 26.12 15.16
C THR A 18 -5.63 24.69 14.62
N SER A 19 -5.15 24.47 13.40
CA SER A 19 -5.14 23.13 12.80
C SER A 19 -4.35 22.10 13.62
N GLN A 20 -3.17 22.48 14.09
CA GLN A 20 -2.39 21.61 14.96
C GLN A 20 -3.21 21.04 16.12
N VAL A 21 -3.91 21.92 16.82
CA VAL A 21 -4.71 21.56 18.00
C VAL A 21 -5.88 20.64 17.60
N VAL A 22 -6.67 21.09 16.63
CA VAL A 22 -7.84 20.30 16.19
C VAL A 22 -7.46 18.93 15.56
N TRP A 23 -6.44 18.90 14.70
CA TRP A 23 -6.01 17.63 14.09
C TRP A 23 -5.44 16.71 15.16
N ASN A 24 -4.72 17.27 16.13
CA ASN A 24 -4.21 16.47 17.24
C ASN A 24 -5.34 15.81 18.03
N GLU A 25 -6.37 16.57 18.39
CA GLU A 25 -7.56 16.01 19.05
C GLU A 25 -8.26 14.95 18.18
N TYR A 26 -8.43 15.24 16.90
CA TYR A 26 -9.10 14.28 16.01
C TYR A 26 -8.32 12.98 15.92
N ALA A 27 -7.01 13.09 15.68
CA ALA A 27 -6.13 11.92 15.61
C ALA A 27 -6.21 11.06 16.89
N GLU A 28 -6.24 11.73 18.05
CA GLU A 28 -6.39 11.03 19.35
C GLU A 28 -7.65 10.14 19.39
N ALA A 29 -8.78 10.71 19.03
CA ALA A 29 -10.05 9.98 19.02
C ALA A 29 -10.07 8.89 17.93
N ASN A 30 -9.51 9.19 16.77
CA ASN A 30 -9.43 8.19 15.70
C ASN A 30 -8.56 7.01 16.16
N TRP A 31 -7.40 7.31 16.74
CA TRP A 31 -6.52 6.29 17.30
C TRP A 31 -7.27 5.41 18.31
N ASN A 32 -7.98 6.07 19.23
CA ASN A 32 -8.68 5.37 20.33
C ASN A 32 -9.73 4.40 19.82
N TYR A 33 -10.38 4.78 18.72
CA TYR A 33 -11.32 3.87 18.08
C TYR A 33 -10.60 2.71 17.37
N ASN A 34 -9.60 3.04 16.55
CA ASN A 34 -8.84 2.01 15.82
C ASN A 34 -8.21 0.96 16.73
N THR A 35 -7.86 1.36 17.95
CA THR A 35 -7.18 0.45 18.87
C THR A 35 -8.11 -0.11 19.95
N ASN A 36 -9.42 0.14 19.78
CA ASN A 36 -10.40 -0.25 20.77
C ASN A 36 -11.79 0.07 20.23
N ILE A 37 -12.28 -0.77 19.34
CA ILE A 37 -13.58 -0.60 18.71
C ILE A 37 -14.69 -0.89 19.71
N THR A 38 -15.41 0.17 20.10
CA THR A 38 -16.57 0.07 21.00
C THR A 38 -17.60 1.13 20.63
N THR A 39 -18.81 0.99 21.15
CA THR A 39 -19.86 2.00 20.97
C THR A 39 -19.36 3.38 21.38
N GLU A 40 -18.76 3.45 22.57
CA GLU A 40 -18.24 4.69 23.14
C GLU A 40 -17.17 5.37 22.28
N THR A 41 -16.12 4.64 21.92
CA THR A 41 -15.06 5.21 21.07
C THR A 41 -15.60 5.62 19.70
N SER A 42 -16.55 4.85 19.16
CA SER A 42 -17.22 5.19 17.89
C SER A 42 -17.95 6.51 18.02
N LYS A 43 -18.67 6.63 19.14
CA LYS A 43 -19.44 7.83 19.46
C LYS A 43 -18.56 9.07 19.54
N ILE A 44 -17.46 8.97 20.31
CA ILE A 44 -16.52 10.09 20.47
C ILE A 44 -15.88 10.48 19.14
N LEU A 45 -15.51 9.49 18.32
CA LEU A 45 -14.96 9.74 16.98
C LEU A 45 -15.91 10.52 16.07
N LEU A 46 -17.17 10.07 15.98
CA LEU A 46 -18.16 10.75 15.13
C LEU A 46 -18.41 12.19 15.58
N GLN A 47 -18.30 12.44 16.88
CA GLN A 47 -18.43 13.80 17.43
C GLN A 47 -17.20 14.65 17.11
N LYS A 48 -16.01 14.05 17.23
CA LYS A 48 -14.78 14.74 16.87
C LYS A 48 -14.72 15.04 15.36
N ASN A 49 -15.43 14.23 14.57
CA ASN A 49 -15.61 14.50 13.14
C ASN A 49 -16.35 15.82 12.92
N MET A 50 -17.36 16.09 13.75
CA MET A 50 -18.08 17.38 13.71
C MET A 50 -17.15 18.55 14.06
N GLN A 51 -16.32 18.37 15.09
CA GLN A 51 -15.36 19.40 15.50
C GLN A 51 -14.40 19.79 14.38
N ILE A 52 -13.79 18.78 13.75
CA ILE A 52 -12.83 19.06 12.69
C ILE A 52 -13.50 19.64 11.44
N ALA A 53 -14.72 19.18 11.16
CA ALA A 53 -15.48 19.70 10.02
C ALA A 53 -15.87 21.16 10.23
N ASN A 54 -16.19 21.50 11.49
CA ASN A 54 -16.43 22.87 11.91
C ASN A 54 -15.21 23.75 11.59
N HIS A 55 -14.03 23.30 12.03
CA HIS A 55 -12.77 24.01 11.79
C HIS A 55 -12.44 24.12 10.29
N THR A 56 -12.59 23.01 9.57
CA THR A 56 -12.32 22.98 8.12
C THR A 56 -13.22 23.97 7.41
N LEU A 57 -14.48 24.04 7.81
CA LEU A 57 -15.44 24.96 7.22
C LEU A 57 -15.10 26.44 7.47
N LYS A 58 -14.74 26.77 8.72
CA LYS A 58 -14.37 28.14 9.09
C LYS A 58 -13.17 28.63 8.28
N TYR A 59 -12.10 27.83 8.25
CA TYR A 59 -10.90 28.24 7.56
C TYR A 59 -11.01 28.11 6.03
N GLY A 60 -11.63 27.03 5.57
CA GLY A 60 -11.90 26.86 4.14
C GLY A 60 -12.73 27.97 3.53
N THR A 61 -13.75 28.42 4.26
CA THR A 61 -14.58 29.53 3.82
C THR A 61 -13.73 30.79 3.67
N GLN A 62 -12.91 31.10 4.68
CA GLN A 62 -12.00 32.27 4.63
C GLN A 62 -11.00 32.17 3.48
N ALA A 63 -10.45 30.98 3.29
CA ALA A 63 -9.44 30.76 2.26
C ALA A 63 -9.97 31.04 0.86
N ARG A 64 -11.23 30.69 0.61
CA ARG A 64 -11.86 30.88 -0.70
C ARG A 64 -12.12 32.34 -1.03
N LYS A 65 -12.11 33.19 -0.02
CA LYS A 65 -12.28 34.61 -0.21
C LYS A 65 -11.03 35.28 -0.75
N PHE A 66 -9.90 34.59 -0.63
CA PHE A 66 -8.67 35.03 -1.28
C PHE A 66 -8.70 34.63 -2.75
N ASP A 67 -8.46 35.61 -3.62
CA ASP A 67 -8.15 35.34 -5.02
C ASP A 67 -6.68 34.92 -5.08
N VAL A 68 -6.47 33.62 -5.23
CA VAL A 68 -5.14 33.00 -5.16
C VAL A 68 -4.09 33.65 -6.09
N ASN A 69 -4.45 33.96 -7.34
CA ASN A 69 -3.43 34.46 -8.27
C ASN A 69 -3.27 35.99 -8.29
N GLN A 70 -3.62 36.63 -7.17
CA GLN A 70 -3.22 38.01 -6.91
C GLN A 70 -2.12 38.02 -5.85
N LEU A 71 -1.67 36.83 -5.46
CA LEU A 71 -0.71 36.64 -4.37
C LEU A 71 0.70 36.34 -4.86
N GLN A 72 1.66 37.12 -4.36
CA GLN A 72 3.07 37.01 -4.72
C GLN A 72 3.68 35.68 -4.27
N ASN A 73 3.86 35.54 -2.95
CA ASN A 73 4.55 34.40 -2.36
C ASN A 73 3.90 33.09 -2.75
N THR A 74 4.70 32.17 -3.27
CA THR A 74 4.17 30.91 -3.78
C THR A 74 3.80 29.91 -2.69
N THR A 75 4.57 29.90 -1.59
CA THR A 75 4.31 29.01 -0.45
C THR A 75 2.97 29.34 0.21
N ILE A 76 2.74 30.64 0.43
CA ILE A 76 1.47 31.17 0.92
C ILE A 76 0.33 30.85 -0.05
N LYS A 77 0.58 31.14 -1.33
CA LYS A 77 -0.36 30.87 -2.41
C LYS A 77 -0.79 29.41 -2.40
N ARG A 78 0.19 28.53 -2.17
CA ARG A 78 0.01 27.09 -2.17
C ARG A 78 -0.80 26.59 -0.97
N ILE A 79 -0.51 27.12 0.21
CA ILE A 79 -1.24 26.71 1.41
C ILE A 79 -2.72 27.08 1.29
N ILE A 80 -3.00 28.28 0.79
CA ILE A 80 -4.36 28.81 0.70
C ILE A 80 -5.22 28.03 -0.31
N LYS A 81 -4.67 27.80 -1.50
CA LYS A 81 -5.39 27.01 -2.52
C LYS A 81 -5.73 25.63 -1.94
N LYS A 82 -4.79 25.03 -1.21
CA LYS A 82 -5.01 23.76 -0.51
C LYS A 82 -6.10 23.82 0.59
N VAL A 83 -6.16 24.91 1.36
CA VAL A 83 -7.17 25.07 2.41
C VAL A 83 -8.56 25.33 1.83
N GLN A 84 -8.62 25.79 0.57
CA GLN A 84 -9.90 26.01 -0.15
C GLN A 84 -10.67 24.71 -0.44
N ASP A 85 -9.96 23.59 -0.45
CA ASP A 85 -10.56 22.26 -0.59
C ASP A 85 -11.03 21.77 0.79
N LEU A 86 -12.35 21.77 1.00
CA LEU A 86 -12.94 21.42 2.29
C LEU A 86 -13.02 19.91 2.49
N GLU A 87 -12.76 19.14 1.43
CA GLU A 87 -13.00 17.70 1.42
C GLU A 87 -14.45 17.43 1.86
N ARG A 88 -14.68 16.43 2.69
CA ARG A 88 -16.06 16.08 3.09
C ARG A 88 -16.81 17.18 3.84
N ALA A 89 -16.06 18.12 4.43
CA ALA A 89 -16.65 19.22 5.19
C ALA A 89 -17.40 20.22 4.29
N ALA A 90 -17.29 20.03 2.98
CA ALA A 90 -18.10 20.81 2.03
C ALA A 90 -19.57 20.36 2.02
N LEU A 91 -19.83 19.14 2.50
CA LEU A 91 -21.18 18.60 2.48
C LEU A 91 -22.09 19.33 3.46
N PRO A 92 -23.37 19.49 3.11
CA PRO A 92 -24.36 19.96 4.08
C PRO A 92 -24.35 19.08 5.34
N ALA A 93 -24.79 19.65 6.46
CA ALA A 93 -24.80 18.95 7.75
C ALA A 93 -25.40 17.53 7.70
N GLN A 94 -26.57 17.38 7.09
CA GLN A 94 -27.24 16.07 7.08
C GLN A 94 -26.40 15.04 6.36
N GLU A 95 -25.96 15.39 5.14
CA GLU A 95 -25.14 14.49 4.32
C GLU A 95 -23.78 14.19 4.95
N LEU A 96 -23.19 15.17 5.62
CA LEU A 96 -21.89 14.96 6.24
C LEU A 96 -22.01 13.93 7.37
N GLU A 97 -23.09 14.04 8.14
CA GLU A 97 -23.39 13.10 9.21
C GLU A 97 -23.54 11.69 8.63
N GLU A 98 -24.30 11.59 7.56
CA GLU A 98 -24.57 10.31 6.93
C GLU A 98 -23.26 9.72 6.39
N TYR A 99 -22.45 10.57 5.75
CA TYR A 99 -21.19 10.13 5.13
C TYR A 99 -20.22 9.61 6.18
N ASN A 100 -20.07 10.36 7.28
CA ASN A 100 -19.20 9.91 8.37
C ASN A 100 -19.62 8.58 8.98
N LYS A 101 -20.94 8.37 9.09
CA LYS A 101 -21.46 7.11 9.61
C LYS A 101 -21.20 5.96 8.64
N ILE A 102 -21.40 6.20 7.34
CA ILE A 102 -21.11 5.21 6.30
C ILE A 102 -19.65 4.77 6.34
N LEU A 103 -18.73 5.72 6.43
CA LEU A 103 -17.31 5.40 6.54
C LEU A 103 -17.01 4.54 7.77
N LEU A 104 -17.56 4.95 8.92
CA LEU A 104 -17.38 4.20 10.15
C LEU A 104 -17.88 2.78 10.01
N ASP A 105 -19.09 2.63 9.47
CA ASP A 105 -19.71 1.33 9.31
C ASP A 105 -18.95 0.42 8.35
N MET A 106 -18.43 1.00 7.27
CA MET A 106 -17.64 0.20 6.32
C MET A 106 -16.33 -0.26 6.94
N GLU A 107 -15.60 0.65 7.59
CA GLU A 107 -14.33 0.23 8.19
C GLU A 107 -14.52 -0.76 9.35
N THR A 108 -15.56 -0.55 10.15
CA THR A 108 -15.88 -1.48 11.23
C THR A 108 -16.28 -2.86 10.69
N THR A 109 -17.20 -2.88 9.73
CA THR A 109 -17.59 -4.14 9.07
C THR A 109 -16.39 -4.95 8.56
N TYR A 110 -15.46 -4.29 7.89
CA TYR A 110 -14.28 -4.99 7.35
C TYR A 110 -13.41 -5.56 8.47
N SER A 111 -13.19 -4.76 9.52
CA SER A 111 -12.22 -5.13 10.55
C SER A 111 -12.71 -6.11 11.61
N VAL A 112 -14.01 -6.36 11.64
CA VAL A 112 -14.58 -7.32 12.62
C VAL A 112 -15.14 -8.57 11.93
N ALA A 113 -15.11 -8.60 10.60
CA ALA A 113 -15.60 -9.76 9.85
C ALA A 113 -14.81 -11.03 10.19
N THR A 114 -15.52 -12.15 10.35
CA THR A 114 -14.87 -13.44 10.54
C THR A 114 -15.47 -14.50 9.64
N VAL A 115 -14.71 -15.57 9.41
CA VAL A 115 -15.17 -16.68 8.60
C VAL A 115 -15.13 -17.94 9.46
N CYS A 116 -16.28 -18.60 9.61
CA CYS A 116 -16.41 -19.68 10.57
C CYS A 116 -16.65 -21.04 9.93
N HIS A 117 -16.06 -22.07 10.54
CA HIS A 117 -16.43 -23.44 10.23
C HIS A 117 -17.75 -23.71 10.95
N PRO A 118 -18.68 -24.40 10.27
CA PRO A 118 -19.97 -24.75 10.89
C PRO A 118 -19.73 -25.50 12.18
N ASN A 119 -20.24 -24.96 13.28
CA ASN A 119 -20.03 -25.52 14.63
C ASN A 119 -18.55 -25.68 15.00
N GLY A 120 -17.71 -24.82 14.42
CA GLY A 120 -16.26 -24.83 14.68
C GLY A 120 -15.74 -23.42 14.97
N SER A 121 -14.44 -23.23 14.81
CA SER A 121 -13.81 -21.95 15.13
C SER A 121 -14.04 -20.92 14.03
N CYS A 122 -14.05 -19.65 14.42
CA CYS A 122 -14.14 -18.53 13.48
C CYS A 122 -12.76 -17.92 13.30
N LEU A 123 -12.42 -17.62 12.06
CA LEU A 123 -11.10 -17.11 11.72
C LEU A 123 -11.18 -15.63 11.40
N GLN A 124 -10.24 -14.85 11.90
CA GLN A 124 -10.11 -13.45 11.53
C GLN A 124 -9.16 -13.33 10.33
N LEU A 125 -9.18 -12.19 9.65
CA LEU A 125 -8.29 -12.00 8.49
C LEU A 125 -6.83 -12.09 8.94
N GLU A 126 -6.50 -11.33 9.98
CA GLU A 126 -5.16 -11.32 10.56
C GLU A 126 -5.22 -11.90 11.98
N PRO A 127 -4.50 -13.02 12.24
CA PRO A 127 -3.54 -13.63 11.34
C PRO A 127 -4.07 -14.87 10.61
N ASP A 128 -5.29 -15.30 10.93
CA ASP A 128 -5.75 -16.66 10.63
C ASP A 128 -5.89 -16.94 9.14
N LEU A 129 -6.69 -16.12 8.48
CA LEU A 129 -6.94 -16.27 7.03
C LEU A 129 -5.71 -15.96 6.21
N THR A 130 -4.93 -14.97 6.65
CA THR A 130 -3.64 -14.64 6.00
C THR A 130 -2.73 -15.87 5.98
N ASN A 131 -2.63 -16.54 7.13
N ASN A 131 -2.63 -16.53 7.14
CA ASN A 131 -1.83 -17.75 7.25
CA ASN A 131 -1.84 -17.75 7.28
C ASN A 131 -2.32 -18.87 6.34
C ASN A 131 -2.32 -18.89 6.38
N VAL A 132 -3.64 -19.09 6.30
CA VAL A 132 -4.22 -20.14 5.45
C VAL A 132 -3.80 -19.88 3.98
N MET A 133 -4.05 -18.66 3.53
CA MET A 133 -3.69 -18.27 2.16
C MET A 133 -2.19 -18.43 1.88
N ALA A 134 -1.36 -18.08 2.86
CA ALA A 134 0.10 -18.17 2.71
C ALA A 134 0.64 -19.60 2.70
N THR A 135 0.07 -20.50 3.51
CA THR A 135 0.72 -21.82 3.71
C THR A 135 -0.08 -23.03 3.24
N SER A 136 -1.40 -22.94 3.16
CA SER A 136 -2.15 -24.10 2.68
C SER A 136 -1.81 -24.42 1.21
N ARG A 137 -1.68 -25.71 0.91
CA ARG A 137 -1.42 -26.14 -0.47
C ARG A 137 -2.52 -27.05 -0.96
N LYS A 138 -3.70 -26.92 -0.36
CA LYS A 138 -4.84 -27.73 -0.71
C LYS A 138 -5.89 -26.84 -1.36
N TYR A 139 -6.18 -27.13 -2.63
CA TYR A 139 -7.12 -26.33 -3.45
C TYR A 139 -8.41 -25.97 -2.72
N GLU A 140 -9.03 -26.96 -2.08
CA GLU A 140 -10.33 -26.75 -1.44
C GLU A 140 -10.24 -25.88 -0.18
N ASP A 141 -9.14 -26.01 0.58
CA ASP A 141 -8.98 -25.23 1.82
C ASP A 141 -8.69 -23.76 1.49
N LEU A 142 -7.89 -23.54 0.45
CA LEU A 142 -7.62 -22.20 -0.04
C LEU A 142 -8.90 -21.56 -0.54
N LEU A 143 -9.72 -22.36 -1.23
CA LEU A 143 -11.01 -21.87 -1.74
C LEU A 143 -11.96 -21.50 -0.61
N TRP A 144 -12.02 -22.34 0.42
CA TRP A 144 -12.83 -22.06 1.61
C TRP A 144 -12.49 -20.68 2.19
N ALA A 145 -11.20 -20.39 2.37
CA ALA A 145 -10.77 -19.10 2.92
C ALA A 145 -11.05 -17.93 1.95
N TRP A 146 -10.77 -18.14 0.67
CA TRP A 146 -10.92 -17.10 -0.37
C TRP A 146 -12.39 -16.68 -0.56
N GLU A 147 -13.24 -17.70 -0.71
CA GLU A 147 -14.67 -17.48 -0.88
C GLU A 147 -15.30 -16.98 0.42
N GLY A 148 -14.95 -17.60 1.55
CA GLY A 148 -15.52 -17.21 2.85
C GLY A 148 -15.25 -15.75 3.20
N TRP A 149 -14.02 -15.31 2.98
CA TRP A 149 -13.68 -13.91 3.22
C TRP A 149 -14.52 -12.98 2.36
N ARG A 150 -14.70 -13.31 1.10
CA ARG A 150 -15.53 -12.49 0.22
C ARG A 150 -16.99 -12.51 0.64
N ASP A 151 -17.49 -13.70 1.01
CA ASP A 151 -18.89 -13.86 1.46
C ASP A 151 -19.19 -13.00 2.68
N LYS A 152 -18.23 -12.94 3.59
CA LYS A 152 -18.43 -12.27 4.88
C LYS A 152 -18.05 -10.79 4.87
N ALA A 153 -16.90 -10.45 4.27
CA ALA A 153 -16.48 -9.06 4.25
C ALA A 153 -17.01 -8.33 3.02
N GLY A 154 -16.76 -8.88 1.84
CA GLY A 154 -17.17 -8.26 0.59
C GLY A 154 -18.67 -8.02 0.48
N ARG A 155 -19.46 -9.07 0.68
CA ARG A 155 -20.93 -8.95 0.56
C ARG A 155 -21.53 -7.95 1.55
N ALA A 156 -20.96 -7.88 2.75
CA ALA A 156 -21.44 -6.98 3.80
C ALA A 156 -21.15 -5.50 3.50
N ILE A 157 -20.16 -5.24 2.65
CA ILE A 157 -19.83 -3.84 2.32
C ILE A 157 -20.80 -3.28 1.27
N LEU A 158 -21.34 -4.15 0.41
CA LEU A 158 -22.16 -3.73 -0.73
C LEU A 158 -23.28 -2.76 -0.36
N GLN A 159 -23.97 -3.03 0.75
CA GLN A 159 -25.10 -2.20 1.16
C GLN A 159 -24.72 -0.72 1.31
N PHE A 160 -23.46 -0.46 1.67
CA PHE A 160 -23.00 0.92 1.95
C PHE A 160 -22.45 1.63 0.72
N TYR A 161 -21.90 0.86 -0.23
CA TYR A 161 -21.02 1.46 -1.25
C TYR A 161 -21.69 2.49 -2.20
N PRO A 162 -22.88 2.17 -2.75
CA PRO A 162 -23.51 3.18 -3.64
C PRO A 162 -23.71 4.54 -2.97
N LYS A 163 -24.10 4.56 -1.70
CA LYS A 163 -24.30 5.82 -1.00
C LYS A 163 -22.97 6.49 -0.70
N TYR A 164 -21.97 5.69 -0.35
CA TYR A 164 -20.60 6.21 -0.22
C TYR A 164 -20.15 6.94 -1.48
N VAL A 165 -20.34 6.30 -2.63
CA VAL A 165 -19.93 6.87 -3.92
C VAL A 165 -20.68 8.19 -4.17
N GLU A 166 -21.98 8.18 -3.91
CA GLU A 166 -22.78 9.37 -4.10
C GLU A 166 -22.25 10.54 -3.26
N LEU A 167 -22.00 10.29 -1.98
CA LEU A 167 -21.61 11.35 -1.06
C LEU A 167 -20.16 11.83 -1.27
N ILE A 168 -19.24 10.90 -1.53
CA ILE A 168 -17.85 11.31 -1.80
C ILE A 168 -17.76 12.11 -3.11
N ASN A 169 -18.54 11.72 -4.12
CA ASN A 169 -18.62 12.50 -5.37
C ASN A 169 -19.21 13.89 -5.14
N GLN A 170 -20.26 13.95 -4.32
CA GLN A 170 -20.94 15.22 -4.03
C GLN A 170 -19.96 16.19 -3.37
N ALA A 171 -19.22 15.71 -2.38
CA ALA A 171 -18.17 16.48 -1.73
C ALA A 171 -17.14 16.98 -2.75
N ALA A 172 -16.70 16.08 -3.64
CA ALA A 172 -15.72 16.43 -4.67
C ALA A 172 -16.23 17.55 -5.58
N ARG A 173 -17.46 17.43 -6.07
CA ARG A 173 -18.07 18.48 -6.89
C ARG A 173 -18.18 19.80 -6.13
N LEU A 174 -18.53 19.73 -4.85
CA LEU A 174 -18.62 20.93 -4.03
C LEU A 174 -17.26 21.59 -3.82
N ASN A 175 -16.18 20.85 -4.07
CA ASN A 175 -14.81 21.41 -3.96
C ASN A 175 -14.18 21.75 -5.31
N GLY A 176 -15.00 21.71 -6.34
CA GLY A 176 -14.62 22.14 -7.67
C GLY A 176 -14.11 21.06 -8.60
N TYR A 177 -14.18 19.79 -8.18
CA TYR A 177 -13.75 18.64 -9.01
C TYR A 177 -14.95 18.06 -9.74
N VAL A 178 -14.72 17.17 -10.72
CA VAL A 178 -15.88 16.57 -11.40
C VAL A 178 -16.42 15.31 -10.72
N ASP A 179 -15.55 14.61 -10.01
CA ASP A 179 -15.94 13.44 -9.19
C ASP A 179 -14.81 13.15 -8.20
N ALA A 180 -15.00 12.20 -7.28
CA ALA A 180 -13.98 11.85 -6.28
C ALA A 180 -12.65 11.38 -6.89
N GLY A 181 -12.71 10.68 -8.03
CA GLY A 181 -11.51 10.16 -8.70
C GLY A 181 -10.66 11.29 -9.25
N ASP A 182 -11.32 12.26 -9.87
CA ASP A 182 -10.67 13.52 -10.24
C ASP A 182 -9.95 14.15 -9.03
N SER A 183 -10.67 14.32 -7.92
CA SER A 183 -10.06 14.83 -6.70
C SER A 183 -8.82 14.03 -6.25
N TRP A 184 -8.93 12.70 -6.25
CA TRP A 184 -7.80 11.87 -5.85
C TRP A 184 -6.58 12.02 -6.77
N ARG A 185 -6.82 11.96 -8.09
CA ARG A 185 -5.73 12.11 -9.06
C ARG A 185 -5.01 13.46 -8.92
N SER A 186 -5.75 14.50 -8.52
CA SER A 186 -5.17 15.84 -8.37
C SER A 186 -4.08 15.92 -7.31
N MET A 187 -4.03 14.93 -6.42
CA MET A 187 -3.01 14.83 -5.38
C MET A 187 -1.60 14.82 -6.00
N TYR A 188 -1.49 14.36 -7.25
CA TYR A 188 -0.22 14.28 -7.98
C TYR A 188 0.19 15.56 -8.70
N GLU A 189 -0.73 16.52 -8.79
CA GLU A 189 -0.52 17.77 -9.53
C GLU A 189 0.16 17.53 -10.89
N THR A 190 -0.26 16.49 -11.59
CA THR A 190 0.42 16.03 -12.81
C THR A 190 -0.65 15.80 -13.88
N PRO A 191 -0.84 16.77 -14.78
CA PRO A 191 -1.83 16.67 -15.85
C PRO A 191 -1.74 15.36 -16.64
N SER A 192 -0.52 14.90 -16.90
CA SER A 192 -0.29 13.72 -17.73
C SER A 192 -0.39 12.42 -16.93
N LEU A 193 -0.89 12.48 -15.70
CA LEU A 193 -0.84 11.32 -14.78
C LEU A 193 -1.30 10.01 -15.42
N GLU A 194 -2.51 9.99 -15.98
CA GLU A 194 -3.04 8.72 -16.52
C GLU A 194 -2.15 8.14 -17.62
N GLN A 195 -1.69 9.00 -18.53
CA GLN A 195 -0.80 8.54 -19.62
C GLN A 195 0.53 8.05 -19.08
N ASP A 196 1.04 8.75 -18.07
CA ASP A 196 2.33 8.39 -17.49
C ASP A 196 2.28 7.00 -16.85
N LEU A 197 1.18 6.73 -16.13
CA LEU A 197 0.98 5.46 -15.44
C LEU A 197 0.78 4.33 -16.44
N GLU A 198 -0.01 4.58 -17.49
CA GLU A 198 -0.18 3.58 -18.55
C GLU A 198 1.15 3.18 -19.20
N ARG A 199 1.99 4.17 -19.50
CA ARG A 199 3.29 3.89 -20.12
C ARG A 199 4.16 3.01 -19.23
N LEU A 200 4.22 3.34 -17.94
CA LEU A 200 5.00 2.60 -16.96
C LEU A 200 4.48 1.16 -16.86
N PHE A 201 3.16 1.02 -16.79
CA PHE A 201 2.56 -0.31 -16.74
C PHE A 201 3.02 -1.13 -17.95
N GLN A 202 2.91 -0.54 -19.14
CA GLN A 202 3.25 -1.26 -20.38
C GLN A 202 4.72 -1.69 -20.38
N GLU A 203 5.59 -0.86 -19.81
CA GLU A 203 7.00 -1.22 -19.71
C GLU A 203 7.26 -2.47 -18.87
N LEU A 204 6.41 -2.72 -17.87
CA LEU A 204 6.57 -3.89 -17.00
C LEU A 204 5.91 -5.15 -17.55
N GLN A 205 5.30 -5.03 -18.72
CA GLN A 205 4.64 -6.17 -19.33
C GLN A 205 5.52 -7.39 -19.64
N PRO A 206 6.68 -7.19 -20.29
CA PRO A 206 7.54 -8.36 -20.55
C PRO A 206 7.85 -9.16 -19.28
N LEU A 207 8.21 -8.46 -18.20
CA LEU A 207 8.53 -9.12 -16.95
C LEU A 207 7.30 -9.80 -16.35
N TYR A 208 6.20 -9.06 -16.26
CA TYR A 208 4.99 -9.63 -15.64
C TYR A 208 4.48 -10.85 -16.39
N LEU A 209 4.34 -10.76 -17.72
CA LEU A 209 3.84 -11.89 -18.50
C LEU A 209 4.73 -13.13 -18.36
N ASN A 210 6.04 -12.91 -18.34
CA ASN A 210 6.98 -14.00 -18.15
C ASN A 210 6.90 -14.62 -16.76
N LEU A 211 6.76 -13.77 -15.74
CA LEU A 211 6.60 -14.26 -14.37
C LEU A 211 5.28 -15.06 -14.26
N HIS A 212 4.20 -14.47 -14.76
CA HIS A 212 2.88 -15.10 -14.79
C HIS A 212 2.93 -16.47 -15.46
N ALA A 213 3.54 -16.57 -16.65
CA ALA A 213 3.64 -17.87 -17.36
C ALA A 213 4.39 -18.93 -16.54
N TYR A 214 5.49 -18.51 -15.94
CA TYR A 214 6.33 -19.43 -15.17
C TYR A 214 5.59 -19.93 -13.92
N VAL A 215 4.94 -19.02 -13.22
CA VAL A 215 4.20 -19.39 -12.01
C VAL A 215 3.02 -20.30 -12.37
N ARG A 216 2.31 -19.93 -13.43
CA ARG A 216 1.20 -20.74 -13.95
C ARG A 216 1.62 -22.19 -14.21
N ARG A 217 2.76 -22.37 -14.88
CA ARG A 217 3.34 -23.70 -15.11
C ARG A 217 3.60 -24.46 -13.80
N ALA A 218 4.15 -23.77 -12.81
CA ALA A 218 4.43 -24.37 -11.49
C ALA A 218 3.16 -24.77 -10.76
N LEU A 219 2.12 -23.95 -10.92
CA LEU A 219 0.83 -24.28 -10.31
C LEU A 219 0.19 -25.49 -10.99
N HIS A 220 0.38 -25.57 -12.30
CA HIS A 220 -0.04 -26.72 -13.11
C HIS A 220 0.57 -28.00 -12.53
N ARG A 221 1.88 -27.95 -12.24
CA ARG A 221 2.60 -29.08 -11.67
C ARG A 221 2.03 -29.50 -10.31
N HIS A 222 1.72 -28.52 -9.47
CA HIS A 222 1.25 -28.84 -8.12
C HIS A 222 -0.24 -29.18 -8.03
N TYR A 223 -1.09 -28.35 -8.63
CA TYR A 223 -2.54 -28.46 -8.43
C TYR A 223 -3.22 -29.34 -9.47
N GLY A 224 -2.51 -29.64 -10.55
CA GLY A 224 -3.01 -30.58 -11.54
C GLY A 224 -3.47 -29.98 -12.85
N ALA A 225 -3.25 -30.74 -13.93
CA ALA A 225 -3.66 -30.34 -15.27
C ALA A 225 -5.15 -30.00 -15.36
N GLN A 226 -6.00 -30.70 -14.62
CA GLN A 226 -7.43 -30.46 -14.68
C GLN A 226 -7.85 -29.14 -14.02
N HIS A 227 -6.90 -28.48 -13.36
CA HIS A 227 -7.21 -27.27 -12.59
C HIS A 227 -6.45 -26.04 -13.04
N ILE A 228 -5.48 -26.23 -13.95
CA ILE A 228 -4.71 -25.09 -14.48
C ILE A 228 -4.70 -25.14 -16.00
N ASN A 229 -5.19 -24.08 -16.63
CA ASN A 229 -5.11 -23.95 -18.08
C ASN A 229 -3.83 -23.22 -18.43
N LEU A 230 -2.93 -23.90 -19.14
CA LEU A 230 -1.61 -23.32 -19.45
C LEU A 230 -1.68 -22.16 -20.42
N GLU A 231 -2.85 -21.95 -21.02
CA GLU A 231 -3.06 -20.79 -21.91
C GLU A 231 -4.16 -19.86 -21.39
N GLY A 232 -4.58 -20.05 -20.14
CA GLY A 232 -5.62 -19.21 -19.56
C GLY A 232 -5.22 -18.46 -18.31
N PRO A 233 -6.18 -17.73 -17.72
CA PRO A 233 -5.90 -17.00 -16.48
C PRO A 233 -5.73 -17.96 -15.30
N ILE A 234 -4.99 -17.53 -14.29
CA ILE A 234 -4.72 -18.31 -13.07
C ILE A 234 -5.82 -18.12 -12.02
N PRO A 235 -6.31 -19.22 -11.41
CA PRO A 235 -7.32 -19.06 -10.34
C PRO A 235 -6.80 -18.20 -9.19
N ALA A 236 -7.62 -17.24 -8.78
CA ALA A 236 -7.17 -16.16 -7.88
C ALA A 236 -6.81 -16.55 -6.44
N HIS A 237 -7.03 -17.80 -6.06
CA HIS A 237 -6.84 -18.24 -4.67
C HIS A 237 -5.51 -18.99 -4.43
N LEU A 238 -4.69 -19.10 -5.48
CA LEU A 238 -3.52 -19.98 -5.45
C LEU A 238 -2.17 -19.26 -5.33
N LEU A 239 -2.21 -17.96 -5.07
CA LEU A 239 -0.97 -17.16 -5.10
C LEU A 239 -0.39 -16.81 -3.72
N GLY A 240 -0.95 -17.37 -2.65
CA GLY A 240 -0.32 -17.25 -1.33
C GLY A 240 -0.79 -16.03 -0.56
N ASN A 241 -1.78 -15.33 -1.11
CA ASN A 241 -2.20 -14.03 -0.64
C ASN A 241 -3.69 -13.88 -0.94
N MET A 242 -4.43 -13.32 0.00
CA MET A 242 -5.88 -13.17 -0.12
C MET A 242 -6.36 -12.49 -1.42
N TRP A 243 -5.60 -11.50 -1.90
CA TRP A 243 -5.97 -10.71 -3.07
C TRP A 243 -5.11 -11.04 -4.29
N ALA A 244 -4.28 -12.07 -4.18
CA ALA A 244 -3.27 -12.42 -5.19
C ALA A 244 -2.48 -11.18 -5.64
N GLN A 245 -2.18 -10.29 -4.71
CA GLN A 245 -1.51 -9.02 -5.06
C GLN A 245 0.00 -9.12 -4.96
N THR A 246 0.49 -10.00 -4.09
CA THR A 246 1.92 -10.29 -3.98
C THR A 246 2.00 -11.81 -3.82
N TRP A 247 2.99 -12.44 -4.46
CA TRP A 247 2.96 -13.88 -4.61
C TRP A 247 4.06 -14.66 -3.90
N SER A 248 4.88 -13.99 -3.10
CA SER A 248 6.09 -14.68 -2.62
C SER A 248 5.86 -15.78 -1.59
N ASN A 249 4.63 -15.90 -1.07
CA ASN A 249 4.31 -16.99 -0.16
C ASN A 249 4.22 -18.36 -0.83
N ILE A 250 4.14 -18.36 -2.16
CA ILE A 250 4.21 -19.64 -2.90
C ILE A 250 5.61 -19.88 -3.49
N TYR A 251 6.61 -19.21 -2.91
CA TYR A 251 7.99 -19.44 -3.34
C TYR A 251 8.34 -20.93 -3.36
N ASP A 252 7.91 -21.68 -2.34
CA ASP A 252 8.14 -23.14 -2.27
C ASP A 252 7.67 -23.92 -3.50
N LEU A 253 6.60 -23.44 -4.14
CA LEU A 253 6.04 -24.09 -5.33
C LEU A 253 6.80 -23.71 -6.61
N VAL A 254 7.55 -22.60 -6.57
CA VAL A 254 8.13 -22.06 -7.80
C VAL A 254 9.64 -21.87 -7.81
N VAL A 255 10.33 -22.32 -6.76
CA VAL A 255 11.76 -22.08 -6.62
C VAL A 255 12.55 -22.51 -7.88
N PRO A 256 13.29 -21.57 -8.50
CA PRO A 256 14.05 -21.88 -9.72
C PRO A 256 15.06 -23.03 -9.54
N PHE A 257 15.78 -23.03 -8.42
CA PHE A 257 16.78 -24.04 -8.16
C PHE A 257 16.56 -24.62 -6.77
N PRO A 258 15.69 -25.65 -6.67
CA PRO A 258 15.40 -26.25 -5.36
C PRO A 258 16.65 -26.91 -4.74
N SER A 259 17.69 -27.11 -5.55
CA SER A 259 18.95 -27.63 -5.04
C SER A 259 19.69 -26.60 -4.18
N ALA A 260 19.24 -25.35 -4.23
CA ALA A 260 19.80 -24.27 -3.44
C ALA A 260 18.76 -23.78 -2.42
N PRO A 261 18.53 -24.56 -1.35
CA PRO A 261 17.43 -24.25 -0.42
C PRO A 261 17.72 -22.97 0.38
N SER A 262 16.66 -22.32 0.86
CA SER A 262 16.82 -21.16 1.75
C SER A 262 16.39 -21.56 3.16
N MET A 263 17.03 -20.95 4.15
CA MET A 263 16.66 -21.16 5.54
C MET A 263 15.19 -20.78 5.75
N ASP A 264 14.48 -21.55 6.56
CA ASP A 264 13.13 -21.17 6.98
C ASP A 264 13.23 -19.93 7.88
N THR A 265 12.87 -18.77 7.33
CA THR A 265 13.06 -17.51 8.05
C THR A 265 12.09 -17.35 9.22
N THR A 266 10.87 -17.89 9.09
CA THR A 266 9.90 -17.83 10.18
C THR A 266 10.41 -18.63 11.37
N GLU A 267 10.81 -19.87 11.08
CA GLU A 267 11.43 -20.75 12.06
C GLU A 267 12.66 -20.08 12.70
N ALA A 268 13.47 -19.41 11.87
CA ALA A 268 14.69 -18.77 12.37
C ALA A 268 14.38 -17.63 13.32
N MET A 269 13.42 -16.78 12.95
CA MET A 269 13.01 -15.66 13.82
C MET A 269 12.38 -16.16 15.12
N LEU A 270 11.55 -17.19 15.03
CA LEU A 270 10.91 -17.77 16.23
C LEU A 270 11.93 -18.37 17.20
N LYS A 271 12.81 -19.22 16.68
CA LYS A 271 13.82 -19.89 17.51
C LYS A 271 14.76 -18.90 18.17
N GLN A 272 15.10 -17.82 17.45
CA GLN A 272 16.04 -16.82 17.94
C GLN A 272 15.40 -15.75 18.83
N GLY A 273 14.12 -15.95 19.14
CA GLY A 273 13.40 -15.12 20.10
C GLY A 273 13.04 -13.73 19.61
N TRP A 274 12.89 -13.59 18.28
CA TRP A 274 12.44 -12.33 17.72
C TRP A 274 11.02 -12.02 18.18
N THR A 275 10.75 -10.75 18.44
CA THR A 275 9.43 -10.27 18.88
C THR A 275 9.07 -9.07 18.01
N PRO A 276 7.79 -8.63 18.02
CA PRO A 276 7.43 -7.41 17.31
C PRO A 276 8.29 -6.20 17.68
N ARG A 277 8.57 -6.02 18.97
CA ARG A 277 9.44 -4.93 19.44
C ARG A 277 10.83 -5.00 18.77
N ARG A 278 11.42 -6.20 18.73
CA ARG A 278 12.73 -6.35 18.10
C ARG A 278 12.69 -5.99 16.61
N MET A 279 11.59 -6.35 15.95
CA MET A 279 11.45 -6.12 14.52
C MET A 279 11.46 -4.61 14.24
N PHE A 280 10.73 -3.86 15.06
CA PHE A 280 10.67 -2.42 14.90
C PHE A 280 11.97 -1.74 15.32
N LYS A 281 12.67 -2.31 16.31
CA LYS A 281 14.00 -1.82 16.69
C LYS A 281 15.02 -2.02 15.57
N GLU A 282 14.94 -3.17 14.88
CA GLU A 282 15.83 -3.39 13.72
C GLU A 282 15.58 -2.35 12.62
N ALA A 283 14.30 -2.07 12.33
CA ALA A 283 13.97 -1.02 11.35
C ALA A 283 14.49 0.34 11.84
N ASP A 284 14.29 0.64 13.13
CA ASP A 284 14.80 1.89 13.70
C ASP A 284 16.31 1.99 13.48
N ASP A 285 17.02 0.88 13.68
CA ASP A 285 18.47 0.85 13.48
C ASP A 285 18.89 1.13 12.04
N PHE A 286 18.13 0.61 11.09
CA PHE A 286 18.46 0.85 9.69
C PHE A 286 18.33 2.33 9.38
N PHE A 287 17.22 2.95 9.83
CA PHE A 287 17.05 4.40 9.63
C PHE A 287 18.17 5.24 10.23
N THR A 288 18.53 4.97 11.48
CA THR A 288 19.62 5.71 12.12
C THR A 288 21.02 5.39 11.53
N SER A 289 21.21 4.18 11.01
CA SER A 289 22.47 3.83 10.32
C SER A 289 22.71 4.75 9.11
N LEU A 290 21.63 5.25 8.53
CA LEU A 290 21.71 6.19 7.40
C LEU A 290 21.87 7.64 7.83
N GLY A 291 21.97 7.85 9.13
CA GLY A 291 22.00 9.21 9.68
C GLY A 291 20.61 9.84 9.74
N LEU A 292 19.57 9.03 9.58
CA LEU A 292 18.19 9.50 9.68
C LEU A 292 17.71 9.46 11.14
N LEU A 293 16.50 9.96 11.40
CA LEU A 293 16.03 10.17 12.79
C LEU A 293 15.55 8.92 13.49
N PRO A 294 15.95 8.73 14.77
CA PRO A 294 15.37 7.65 15.59
C PRO A 294 13.95 7.99 15.95
N VAL A 295 13.11 6.98 16.17
CA VAL A 295 11.77 7.27 16.72
C VAL A 295 11.92 7.73 18.17
N PRO A 296 11.09 8.70 18.60
CA PRO A 296 11.26 9.21 19.97
C PRO A 296 10.86 8.16 21.01
N PRO A 297 11.35 8.30 22.27
CA PRO A 297 10.92 7.37 23.32
C PRO A 297 9.39 7.18 23.39
N GLU A 298 8.65 8.26 23.15
CA GLU A 298 7.18 8.24 23.19
C GLU A 298 6.55 7.21 22.24
N PHE A 299 7.20 7.00 21.10
CA PHE A 299 6.75 6.02 20.10
C PHE A 299 6.66 4.62 20.72
N TRP A 300 7.68 4.24 21.49
CA TRP A 300 7.70 2.94 22.15
C TRP A 300 6.63 2.82 23.23
N ASN A 301 6.38 3.92 23.95
CA ASN A 301 5.31 3.99 24.98
C ASN A 301 3.91 3.80 24.42
N LYS A 302 3.64 4.44 23.28
CA LYS A 302 2.27 4.65 22.82
C LYS A 302 1.83 3.79 21.62
N SER A 303 2.78 3.23 20.87
CA SER A 303 2.40 2.42 19.69
C SER A 303 1.72 1.08 20.06
N MET A 304 0.91 0.57 19.15
CA MET A 304 0.33 -0.78 19.29
C MET A 304 1.03 -1.70 18.28
N LEU A 305 1.98 -2.49 18.76
CA LEU A 305 2.86 -3.26 17.88
C LEU A 305 2.50 -4.74 17.75
N GLU A 306 1.43 -5.15 18.44
CA GLU A 306 0.83 -6.45 18.20
C GLU A 306 -0.64 -6.39 18.55
N LYS A 307 -1.39 -7.37 18.05
CA LYS A 307 -2.82 -7.53 18.35
C LYS A 307 -3.01 -7.65 19.86
N PRO A 308 -3.95 -6.87 20.44
CA PRO A 308 -4.20 -7.04 21.88
C PRO A 308 -4.75 -8.42 22.19
N THR A 309 -4.39 -8.94 23.36
CA THR A 309 -4.87 -10.24 23.80
C THR A 309 -6.00 -10.03 24.81
N ASP A 310 -6.27 -8.76 25.09
CA ASP A 310 -7.41 -8.27 25.87
C ASP A 310 -8.78 -8.83 25.45
N GLY A 311 -8.84 -9.43 24.27
CA GLY A 311 -10.13 -9.79 23.67
C GLY A 311 -10.74 -8.63 22.89
N ARG A 312 -10.47 -7.40 23.34
CA ARG A 312 -10.92 -6.16 22.68
C ARG A 312 -10.62 -6.15 21.18
N GLU A 313 -11.48 -5.48 20.41
CA GLU A 313 -11.41 -5.47 18.94
C GLU A 313 -10.67 -4.26 18.38
N VAL A 314 -9.84 -4.49 17.36
CA VAL A 314 -9.02 -3.44 16.76
C VAL A 314 -9.11 -3.50 15.24
N VAL A 315 -8.67 -2.42 14.60
CA VAL A 315 -8.40 -2.42 13.17
C VAL A 315 -6.97 -2.91 13.06
N CYS A 316 -6.79 -4.14 12.61
CA CYS A 316 -5.44 -4.67 12.47
C CYS A 316 -4.66 -4.06 11.29
N HIS A 317 -5.34 -3.70 10.19
CA HIS A 317 -4.58 -3.31 8.98
C HIS A 317 -3.56 -2.22 9.31
N ALA A 318 -2.29 -2.48 9.03
CA ALA A 318 -1.18 -1.64 9.52
C ALA A 318 -1.29 -0.17 9.12
N SER A 319 -0.92 0.71 10.04
CA SER A 319 -0.90 2.15 9.73
C SER A 319 0.05 2.89 10.64
N ALA A 320 0.47 4.06 10.15
CA ALA A 320 1.41 4.92 10.82
C ALA A 320 0.72 6.25 11.06
N TRP A 321 0.89 6.78 12.27
CA TRP A 321 0.09 7.91 12.76
C TRP A 321 0.93 9.13 13.16
N ASP A 322 0.59 10.28 12.57
CA ASP A 322 1.12 11.58 12.91
C ASP A 322 0.06 12.27 13.77
N PHE A 323 0.42 12.68 14.98
CA PHE A 323 -0.53 13.40 15.85
C PHE A 323 -0.38 14.92 15.80
N TYR A 324 0.35 15.39 14.78
CA TYR A 324 0.48 16.83 14.47
C TYR A 324 0.96 17.67 15.64
N ASN A 325 1.79 17.01 16.45
CA ASN A 325 2.48 17.52 17.63
C ASN A 325 3.91 17.91 17.35
N GLY A 326 4.47 17.32 16.29
CA GLY A 326 5.91 17.30 16.11
C GLY A 326 6.63 16.38 17.09
N LYS A 327 5.86 15.71 17.96
CA LYS A 327 6.41 14.88 19.04
C LYS A 327 5.88 13.44 19.03
N ASP A 328 4.58 13.30 18.78
CA ASP A 328 3.85 12.05 19.00
C ASP A 328 3.63 11.34 17.66
N PHE A 329 4.33 10.23 17.47
CA PHE A 329 4.20 9.40 16.26
C PHE A 329 4.05 7.95 16.69
N ARG A 330 3.11 7.24 16.04
CA ARG A 330 2.78 5.88 16.46
C ARG A 330 2.53 4.93 15.28
N ILE A 331 2.89 3.66 15.46
CA ILE A 331 2.46 2.60 14.54
C ILE A 331 1.43 1.71 15.23
N LYS A 332 0.44 1.27 14.45
CA LYS A 332 -0.60 0.33 14.87
C LYS A 332 -0.62 -0.84 13.89
N GLN A 333 -0.07 -1.96 14.33
CA GLN A 333 0.14 -3.13 13.48
C GLN A 333 -0.03 -4.37 14.32
N CYS A 334 -0.77 -5.33 13.78
CA CYS A 334 -0.95 -6.63 14.43
C CYS A 334 0.19 -7.54 13.97
N THR A 335 1.38 -7.28 14.51
CA THR A 335 2.61 -7.86 13.99
C THR A 335 2.69 -9.34 14.32
N THR A 336 3.00 -10.14 13.30
CA THR A 336 3.28 -11.56 13.43
C THR A 336 4.80 -11.69 13.30
N VAL A 337 5.40 -12.63 14.02
CA VAL A 337 6.84 -12.80 13.90
C VAL A 337 7.16 -13.61 12.62
N ASN A 338 7.42 -12.90 11.52
CA ASN A 338 7.91 -13.50 10.27
C ASN A 338 8.58 -12.45 9.37
N LEU A 339 9.18 -12.90 8.28
CA LEU A 339 9.91 -11.98 7.41
C LEU A 339 8.98 -10.99 6.71
N GLU A 340 7.80 -11.47 6.28
CA GLU A 340 6.80 -10.58 5.69
C GLU A 340 6.48 -9.40 6.61
N ASP A 341 6.26 -9.66 7.89
CA ASP A 341 5.92 -8.54 8.79
C ASP A 341 7.12 -7.70 9.19
N LEU A 342 8.32 -8.27 9.11
CA LEU A 342 9.54 -7.46 9.22
C LEU A 342 9.60 -6.41 8.10
N VAL A 343 9.25 -6.82 6.89
CA VAL A 343 9.20 -5.89 5.75
C VAL A 343 8.09 -4.85 5.95
N VAL A 344 6.91 -5.29 6.39
CA VAL A 344 5.82 -4.37 6.73
C VAL A 344 6.26 -3.34 7.76
N ALA A 345 6.95 -3.79 8.80
CA ALA A 345 7.45 -2.89 9.84
C ALA A 345 8.31 -1.77 9.25
N HIS A 346 9.15 -2.15 8.26
CA HIS A 346 10.00 -1.17 7.58
C HIS A 346 9.16 -0.20 6.78
N HIS A 347 8.15 -0.73 6.07
CA HIS A 347 7.19 0.10 5.33
C HIS A 347 6.57 1.16 6.25
N GLU A 348 6.07 0.71 7.40
CA GLU A 348 5.41 1.63 8.34
C GLU A 348 6.39 2.63 8.95
N MET A 349 7.60 2.16 9.26
CA MET A 349 8.64 3.03 9.81
C MET A 349 9.07 4.09 8.80
N GLY A 350 8.93 3.77 7.52
CA GLY A 350 9.09 4.76 6.45
C GLY A 350 8.15 5.95 6.58
N HIS A 351 6.86 5.71 6.85
CA HIS A 351 5.90 6.80 7.02
C HIS A 351 6.28 7.61 8.26
N ILE A 352 6.69 6.92 9.33
CA ILE A 352 7.09 7.61 10.57
C ILE A 352 8.27 8.54 10.30
N GLN A 353 9.25 8.04 9.57
CA GLN A 353 10.42 8.86 9.22
C GLN A 353 9.97 10.11 8.50
N TYR A 354 9.06 9.96 7.53
CA TYR A 354 8.58 11.09 6.75
C TYR A 354 7.92 12.11 7.68
N PHE A 355 7.08 11.64 8.62
CA PHE A 355 6.41 12.52 9.58
C PHE A 355 7.44 13.35 10.34
N MET A 356 8.51 12.70 10.77
CA MET A 356 9.53 13.34 11.59
C MET A 356 10.39 14.31 10.79
N GLN A 357 10.60 13.99 9.51
CA GLN A 357 11.40 14.86 8.64
C GLN A 357 10.68 16.17 8.29
N TYR A 358 9.36 16.12 8.11
CA TYR A 358 8.64 17.33 7.72
C TYR A 358 7.87 18.01 8.86
N LYS A 359 8.16 17.60 10.10
CA LYS A 359 7.44 18.06 11.29
C LYS A 359 7.44 19.59 11.50
N ASP A 360 8.42 20.29 10.93
CA ASP A 360 8.52 21.73 11.13
C ASP A 360 7.88 22.58 10.03
N LEU A 361 7.33 21.93 9.01
CA LEU A 361 6.56 22.63 7.99
C LEU A 361 5.17 22.96 8.51
N PRO A 362 4.52 23.97 7.92
CA PRO A 362 3.08 24.19 8.12
C PRO A 362 2.35 22.88 7.90
N VAL A 363 1.37 22.55 8.75
CA VAL A 363 0.64 21.27 8.61
C VAL A 363 0.04 21.06 7.22
N ALA A 364 -0.35 22.14 6.54
CA ALA A 364 -0.92 22.03 5.20
C ALA A 364 0.07 21.41 4.21
N LEU A 365 1.36 21.49 4.53
CA LEU A 365 2.41 20.97 3.65
C LEU A 365 3.09 19.72 4.22
N ARG A 366 2.51 19.17 5.29
CA ARG A 366 2.99 17.95 5.91
C ARG A 366 2.38 16.73 5.19
N GLU A 367 2.89 16.49 3.99
CA GLU A 367 2.48 15.33 3.18
C GLU A 367 3.69 14.92 2.35
N GLY A 368 3.61 13.76 1.70
CA GLY A 368 4.66 13.34 0.77
C GLY A 368 4.72 14.29 -0.41
N ALA A 369 5.86 14.35 -1.09
CA ALA A 369 6.00 15.10 -2.35
C ALA A 369 4.82 14.74 -3.25
N ASN A 370 4.54 13.44 -3.36
CA ASN A 370 3.24 12.94 -3.78
C ASN A 370 2.95 11.71 -2.88
N PRO A 371 1.71 11.16 -2.89
CA PRO A 371 1.45 10.02 -2.00
C PRO A 371 2.35 8.79 -2.24
N GLY A 372 2.80 8.58 -3.48
CA GLY A 372 3.75 7.51 -3.77
C GLY A 372 5.09 7.63 -3.04
N PHE A 373 5.58 8.87 -2.84
CA PHE A 373 6.83 9.10 -2.08
C PHE A 373 6.71 8.60 -0.65
N HIS A 374 5.57 8.86 -0.04
CA HIS A 374 5.33 8.49 1.36
C HIS A 374 5.35 6.98 1.50
N GLU A 375 4.79 6.28 0.50
CA GLU A 375 4.74 4.82 0.50
C GLU A 375 6.09 4.18 0.21
N ALA A 376 6.95 4.90 -0.53
CA ALA A 376 8.21 4.31 -1.04
C ALA A 376 9.35 4.25 -0.03
N ILE A 377 9.41 5.22 0.89
CA ILE A 377 10.58 5.39 1.78
C ILE A 377 10.94 4.10 2.53
N GLY A 378 9.95 3.55 3.23
CA GLY A 378 10.13 2.32 4.00
C GLY A 378 10.53 1.16 3.12
N ASP A 379 9.89 1.05 1.96
CA ASP A 379 10.17 -0.04 1.00
C ASP A 379 11.59 0.02 0.46
N VAL A 380 12.11 1.23 0.25
CA VAL A 380 13.51 1.39 -0.21
C VAL A 380 14.50 0.73 0.75
N LEU A 381 14.38 1.04 2.05
CA LEU A 381 15.25 0.43 3.06
C LEU A 381 15.04 -1.06 3.10
N ALA A 382 13.77 -1.47 2.98
CA ALA A 382 13.41 -2.89 3.01
C ALA A 382 14.05 -3.68 1.87
N LEU A 383 14.26 -3.03 0.72
CA LEU A 383 14.95 -3.67 -0.41
C LEU A 383 16.36 -4.10 0.02
N SER A 384 17.06 -3.22 0.76
CA SER A 384 18.39 -3.56 1.29
C SER A 384 18.34 -4.62 2.40
N VAL A 385 17.37 -4.49 3.31
CA VAL A 385 17.14 -5.48 4.39
C VAL A 385 16.93 -6.89 3.84
N SER A 386 16.26 -6.95 2.69
CA SER A 386 15.85 -8.20 2.05
C SER A 386 16.97 -8.95 1.34
N THR A 387 18.10 -8.29 1.11
CA THR A 387 19.22 -8.96 0.42
C THR A 387 19.72 -10.15 1.24
N PRO A 388 20.10 -11.26 0.56
CA PRO A 388 20.65 -12.42 1.27
C PRO A 388 21.80 -12.06 2.21
N LYS A 389 22.67 -11.14 1.78
CA LYS A 389 23.78 -10.70 2.59
C LYS A 389 23.29 -10.07 3.90
N HIS A 390 22.27 -9.21 3.82
CA HIS A 390 21.79 -8.54 5.02
C HIS A 390 21.04 -9.50 5.94
N LEU A 391 20.18 -10.32 5.36
CA LEU A 391 19.44 -11.34 6.11
C LEU A 391 20.38 -12.32 6.81
N HIS A 392 21.47 -12.70 6.15
CA HIS A 392 22.50 -13.53 6.81
C HIS A 392 23.11 -12.80 8.00
N SER A 393 23.34 -11.50 7.85
CA SER A 393 23.86 -10.68 8.94
C SER A 393 22.90 -10.59 10.14
N LEU A 394 21.62 -10.87 9.90
CA LEU A 394 20.61 -10.86 10.97
C LEU A 394 20.40 -12.26 11.51
N ASN A 395 21.18 -13.20 10.98
CA ASN A 395 21.07 -14.63 11.27
C ASN A 395 19.79 -15.32 10.79
N LEU A 396 19.18 -14.79 9.74
CA LEU A 396 17.91 -15.33 9.23
C LEU A 396 18.06 -16.19 7.98
N LEU A 397 19.17 -16.00 7.28
CA LEU A 397 19.57 -16.90 6.20
C LEU A 397 20.99 -17.37 6.49
N SER A 398 21.37 -18.51 5.91
CA SER A 398 22.78 -18.88 5.92
C SER A 398 23.47 -18.24 4.71
N SER A 399 24.75 -18.54 4.52
CA SER A 399 25.52 -18.00 3.42
C SER A 399 24.94 -18.43 2.06
N GLU A 400 24.55 -17.45 1.25
CA GLU A 400 23.97 -17.70 -0.07
C GLU A 400 24.80 -17.10 -1.20
N GLY A 401 25.82 -16.34 -0.84
CA GLY A 401 26.62 -15.58 -1.79
C GLY A 401 27.33 -16.39 -2.85
N GLY A 402 27.71 -15.70 -3.93
CA GLY A 402 28.41 -16.31 -5.07
C GLY A 402 27.44 -17.03 -5.98
N SER A 403 27.04 -18.22 -5.55
CA SER A 403 26.09 -19.09 -6.26
C SER A 403 25.08 -18.36 -7.14
N ASP A 404 25.20 -18.55 -8.46
CA ASP A 404 24.21 -18.05 -9.41
C ASP A 404 22.82 -18.67 -9.18
N GLU A 405 22.79 -19.88 -8.63
CA GLU A 405 21.51 -20.52 -8.28
C GLU A 405 20.76 -19.76 -7.19
N HIS A 406 21.45 -19.43 -6.09
CA HIS A 406 20.88 -18.63 -5.01
C HIS A 406 20.51 -17.22 -5.54
N ASP A 407 21.30 -16.74 -6.49
CA ASP A 407 21.10 -15.40 -7.05
C ASP A 407 19.79 -15.33 -7.83
N ILE A 408 19.55 -16.31 -8.71
CA ILE A 408 18.27 -16.39 -9.43
C ILE A 408 17.09 -16.64 -8.48
N ASN A 409 17.29 -17.50 -7.48
CA ASN A 409 16.27 -17.76 -6.47
C ASN A 409 15.88 -16.48 -5.74
N PHE A 410 16.88 -15.68 -5.38
CA PHE A 410 16.60 -14.42 -4.65
C PHE A 410 15.80 -13.47 -5.52
N LEU A 411 16.22 -13.34 -6.77
CA LEU A 411 15.52 -12.46 -7.73
C LEU A 411 14.07 -12.91 -7.94
N MET A 412 13.87 -14.22 -8.02
CA MET A 412 12.51 -14.76 -8.10
C MET A 412 11.72 -14.42 -6.84
N LYS A 413 12.32 -14.64 -5.68
CA LYS A 413 11.64 -14.31 -4.42
C LYS A 413 11.16 -12.85 -4.44
N MET A 414 12.02 -11.95 -4.93
CA MET A 414 11.67 -10.53 -4.99
C MET A 414 10.62 -10.25 -6.06
N ALA A 415 10.77 -10.88 -7.23
CA ALA A 415 9.82 -10.64 -8.33
C ALA A 415 8.41 -11.07 -7.96
N LEU A 416 8.29 -12.17 -7.19
CA LEU A 416 6.98 -12.66 -6.82
C LEU A 416 6.17 -11.58 -6.11
N ASP A 417 6.87 -10.67 -5.44
CA ASP A 417 6.18 -9.56 -4.81
C ASP A 417 6.19 -8.28 -5.64
N LYS A 418 7.37 -7.86 -6.08
CA LYS A 418 7.53 -6.54 -6.66
C LYS A 418 6.93 -6.47 -8.07
N ILE A 419 7.06 -7.54 -8.85
CA ILE A 419 6.55 -7.56 -10.22
C ILE A 419 5.05 -7.91 -10.26
N ALA A 420 4.66 -8.94 -9.51
CA ALA A 420 3.25 -9.34 -9.47
C ALA A 420 2.34 -8.20 -9.00
N PHE A 421 2.83 -7.37 -8.08
CA PHE A 421 2.02 -6.26 -7.54
C PHE A 421 1.74 -5.15 -8.56
N ILE A 422 2.56 -5.03 -9.60
CA ILE A 422 2.38 -3.98 -10.61
C ILE A 422 0.96 -3.96 -11.24
N PRO A 423 0.48 -5.07 -11.85
CA PRO A 423 -0.88 -4.99 -12.38
C PRO A 423 -1.97 -4.84 -11.32
N PHE A 424 -1.78 -5.43 -10.14
CA PHE A 424 -2.79 -5.29 -9.11
C PHE A 424 -2.92 -3.81 -8.68
N SER A 425 -1.79 -3.18 -8.37
CA SER A 425 -1.80 -1.81 -7.86
C SER A 425 -2.31 -0.83 -8.89
N TYR A 426 -2.14 -1.19 -10.16
CA TYR A 426 -2.63 -0.39 -11.26
C TYR A 426 -4.15 -0.48 -11.39
N LEU A 427 -4.70 -1.67 -11.22
CA LEU A 427 -6.11 -1.86 -11.53
C LEU A 427 -7.08 -1.35 -10.44
N VAL A 428 -6.66 -1.34 -9.17
CA VAL A 428 -7.58 -0.97 -8.09
C VAL A 428 -8.25 0.38 -8.36
N ASP A 429 -7.44 1.41 -8.63
CA ASP A 429 -8.04 2.72 -8.91
C ASP A 429 -8.49 2.90 -10.36
N GLN A 430 -8.04 2.04 -11.28
CA GLN A 430 -8.69 2.03 -12.60
C GLN A 430 -10.18 1.71 -12.40
N TRP A 431 -10.46 0.73 -11.56
CA TRP A 431 -11.84 0.39 -11.19
C TRP A 431 -12.55 1.54 -10.47
N ARG A 432 -11.93 2.06 -9.39
CA ARG A 432 -12.57 3.14 -8.61
C ARG A 432 -12.75 4.44 -9.37
N TRP A 433 -11.80 4.83 -10.22
CA TRP A 433 -12.00 6.03 -11.06
C TRP A 433 -13.25 5.91 -11.93
N ARG A 434 -13.49 4.71 -12.45
CA ARG A 434 -14.64 4.48 -13.32
C ARG A 434 -15.95 4.33 -12.54
N VAL A 435 -15.85 3.86 -11.29
CA VAL A 435 -16.98 3.92 -10.38
C VAL A 435 -17.32 5.39 -10.11
N PHE A 436 -16.29 6.16 -9.75
CA PHE A 436 -16.49 7.55 -9.39
C PHE A 436 -17.01 8.39 -10.55
N ASP A 437 -16.50 8.17 -11.76
CA ASP A 437 -16.98 8.95 -12.91
C ASP A 437 -18.33 8.47 -13.48
N GLY A 438 -18.90 7.42 -12.87
CA GLY A 438 -20.20 6.91 -13.28
C GLY A 438 -20.20 5.91 -14.43
N SER A 439 -19.00 5.54 -14.90
CA SER A 439 -18.84 4.53 -15.96
C SER A 439 -19.25 3.12 -15.51
N ILE A 440 -19.02 2.83 -14.24
CA ILE A 440 -19.41 1.56 -13.63
C ILE A 440 -20.50 1.82 -12.60
N THR A 441 -21.67 1.19 -12.76
CA THR A 441 -22.78 1.41 -11.82
C THR A 441 -22.78 0.26 -10.82
N LYS A 442 -23.66 0.34 -9.82
CA LYS A 442 -23.78 -0.76 -8.85
C LYS A 442 -24.22 -2.08 -9.47
N GLU A 443 -24.85 -2.03 -10.64
N GLU A 443 -24.84 -2.01 -10.65
CA GLU A 443 -25.24 -3.26 -11.34
CA GLU A 443 -25.26 -3.22 -11.36
C GLU A 443 -24.00 -4.00 -11.79
C GLU A 443 -24.06 -3.96 -11.94
N ASN A 444 -22.96 -3.24 -12.11
CA ASN A 444 -21.76 -3.78 -12.75
C ASN A 444 -20.47 -3.74 -11.94
N TYR A 445 -20.53 -3.31 -10.67
CA TYR A 445 -19.34 -3.26 -9.79
C TYR A 445 -18.46 -4.50 -9.92
N ASN A 446 -19.06 -5.66 -9.65
CA ASN A 446 -18.28 -6.87 -9.50
C ASN A 446 -17.79 -7.39 -10.84
N GLN A 447 -18.66 -7.33 -11.84
CA GLN A 447 -18.31 -7.78 -13.19
C GLN A 447 -17.13 -6.99 -13.74
N GLU A 448 -17.13 -5.68 -13.54
CA GLU A 448 -16.05 -4.83 -14.05
C GLU A 448 -14.76 -5.00 -13.25
N TRP A 449 -14.89 -5.31 -11.98
CA TRP A 449 -13.73 -5.65 -11.18
C TRP A 449 -13.04 -6.88 -11.78
N TRP A 450 -13.81 -7.94 -12.05
CA TRP A 450 -13.21 -9.17 -12.62
C TRP A 450 -12.71 -8.99 -14.05
N SER A 451 -13.32 -8.07 -14.80
CA SER A 451 -12.84 -7.76 -16.13
C SER A 451 -11.42 -7.19 -16.07
N LEU A 452 -11.15 -6.39 -15.04
CA LEU A 452 -9.83 -5.79 -14.86
C LEU A 452 -8.87 -6.77 -14.25
N ARG A 453 -9.36 -7.59 -13.33
CA ARG A 453 -8.57 -8.70 -12.77
C ARG A 453 -8.03 -9.60 -13.87
N LEU A 454 -8.88 -9.85 -14.87
CA LEU A 454 -8.48 -10.60 -16.04
C LEU A 454 -7.53 -9.80 -16.94
N LYS A 455 -7.96 -8.61 -17.34
CA LYS A 455 -7.19 -7.81 -18.30
C LYS A 455 -5.78 -7.52 -17.79
N TYR A 456 -5.64 -7.09 -16.52
CA TYR A 456 -4.32 -6.66 -16.05
C TYR A 456 -3.49 -7.73 -15.38
N GLN A 457 -4.09 -8.54 -14.50
CA GLN A 457 -3.36 -9.59 -13.78
C GLN A 457 -3.49 -10.97 -14.42
N GLY A 458 -4.44 -11.14 -15.33
CA GLY A 458 -4.66 -12.48 -15.91
C GLY A 458 -5.04 -13.49 -14.84
N LEU A 459 -5.96 -13.08 -13.98
CA LEU A 459 -6.52 -13.98 -12.97
C LEU A 459 -8.00 -14.20 -13.24
N CYS A 460 -8.53 -15.32 -12.74
CA CYS A 460 -9.96 -15.62 -12.81
C CYS A 460 -10.45 -16.02 -11.41
N PRO A 461 -11.74 -15.80 -11.11
CA PRO A 461 -12.20 -16.26 -9.78
C PRO A 461 -12.36 -17.80 -9.79
N PRO A 462 -12.00 -18.49 -8.68
CA PRO A 462 -12.12 -19.96 -8.71
C PRO A 462 -13.58 -20.44 -8.68
N VAL A 463 -14.47 -19.61 -8.14
CA VAL A 463 -15.91 -19.90 -8.12
C VAL A 463 -16.63 -18.75 -8.85
N PRO A 464 -17.57 -19.05 -9.77
CA PRO A 464 -18.31 -17.95 -10.45
C PRO A 464 -18.96 -17.02 -9.44
N ARG A 465 -18.89 -15.71 -9.70
CA ARG A 465 -19.48 -14.74 -8.79
C ARG A 465 -20.98 -14.68 -9.04
N THR A 466 -21.73 -14.23 -8.03
CA THR A 466 -23.19 -14.21 -8.13
C THR A 466 -23.71 -12.84 -7.76
N GLN A 467 -25.00 -12.60 -8.02
CA GLN A 467 -25.64 -11.36 -7.59
C GLN A 467 -25.45 -11.18 -6.08
N GLY A 468 -25.05 -9.97 -5.68
CA GLY A 468 -24.79 -9.69 -4.27
C GLY A 468 -23.32 -9.75 -3.88
N ASP A 469 -22.47 -10.35 -4.72
CA ASP A 469 -21.03 -10.34 -4.41
C ASP A 469 -20.50 -8.95 -4.64
N PHE A 470 -19.54 -8.56 -3.81
CA PHE A 470 -18.85 -7.28 -3.99
C PHE A 470 -17.42 -7.50 -3.53
N ASP A 471 -16.67 -8.19 -4.37
CA ASP A 471 -15.31 -8.60 -4.04
C ASP A 471 -14.37 -7.41 -3.71
N PRO A 472 -14.54 -6.24 -4.39
CA PRO A 472 -13.71 -5.13 -3.95
C PRO A 472 -13.86 -4.78 -2.46
N GLY A 473 -15.03 -5.02 -1.88
CA GLY A 473 -15.25 -4.68 -0.48
C GLY A 473 -14.43 -5.55 0.47
N ALA A 474 -13.88 -6.64 -0.06
CA ALA A 474 -13.06 -7.57 0.72
C ALA A 474 -11.58 -7.15 0.73
N LYS A 475 -11.28 -5.97 0.17
CA LYS A 475 -9.93 -5.41 0.16
C LYS A 475 -9.95 -4.15 0.99
N PHE A 476 -9.12 -4.11 2.03
CA PHE A 476 -9.14 -3.02 3.03
C PHE A 476 -9.41 -1.61 2.50
N HIS A 477 -8.67 -1.22 1.48
CA HIS A 477 -8.63 0.17 0.99
C HIS A 477 -9.93 0.64 0.39
N ILE A 478 -10.76 -0.30 -0.03
CA ILE A 478 -12.08 0.02 -0.58
C ILE A 478 -13.04 0.53 0.52
N PRO A 479 -13.42 -0.30 1.51
CA PRO A 479 -14.29 0.25 2.56
C PRO A 479 -13.65 1.36 3.38
N SER A 480 -12.30 1.37 3.46
CA SER A 480 -11.59 2.44 4.19
C SER A 480 -11.34 3.70 3.39
N SER A 481 -11.71 3.68 2.12
CA SER A 481 -11.64 4.85 1.24
C SER A 481 -10.22 5.41 1.22
N VAL A 482 -9.24 4.53 1.02
CA VAL A 482 -7.84 4.92 0.94
C VAL A 482 -7.45 4.74 -0.53
N PRO A 483 -6.99 5.82 -1.18
CA PRO A 483 -6.56 5.77 -2.58
C PRO A 483 -5.45 4.73 -2.77
N TYR A 484 -5.42 4.09 -3.93
CA TYR A 484 -4.50 2.97 -4.14
C TYR A 484 -3.36 3.20 -5.14
N ILE A 485 -3.52 4.15 -6.06
CA ILE A 485 -2.52 4.37 -7.12
C ILE A 485 -1.15 4.76 -6.53
N ARG A 486 -1.15 5.38 -5.35
CA ARG A 486 0.08 5.60 -4.59
C ARG A 486 1.02 4.38 -4.53
N TYR A 487 0.46 3.18 -4.40
CA TYR A 487 1.27 1.97 -4.32
C TYR A 487 1.89 1.52 -5.64
N PHE A 488 1.18 1.74 -6.74
CA PHE A 488 1.75 1.56 -8.09
C PHE A 488 2.92 2.52 -8.28
N VAL A 489 2.70 3.80 -7.97
CA VAL A 489 3.76 4.81 -8.04
C VAL A 489 4.95 4.38 -7.16
N SER A 490 4.64 3.97 -5.93
CA SER A 490 5.68 3.55 -4.98
C SER A 490 6.55 2.44 -5.55
N PHE A 491 5.93 1.39 -6.09
CA PHE A 491 6.72 0.26 -6.59
C PHE A 491 7.67 0.65 -7.73
N ILE A 492 7.24 1.58 -8.58
CA ILE A 492 8.12 2.11 -9.63
C ILE A 492 9.25 2.94 -9.00
N ILE A 493 8.88 3.95 -8.22
CA ILE A 493 9.90 4.91 -7.75
C ILE A 493 10.85 4.33 -6.69
N GLN A 494 10.41 3.32 -5.94
CA GLN A 494 11.31 2.80 -4.90
C GLN A 494 12.57 2.20 -5.52
N PHE A 495 12.45 1.64 -6.72
CA PHE A 495 13.60 1.13 -7.46
C PHE A 495 14.47 2.26 -8.02
N GLN A 496 13.85 3.34 -8.49
CA GLN A 496 14.63 4.54 -8.85
C GLN A 496 15.40 5.06 -7.64
N PHE A 497 14.76 5.05 -6.47
CA PHE A 497 15.44 5.53 -5.26
C PHE A 497 16.57 4.57 -4.91
N HIS A 498 16.30 3.27 -4.94
CA HIS A 498 17.32 2.25 -4.64
C HIS A 498 18.55 2.44 -5.53
N GLU A 499 18.31 2.52 -6.83
CA GLU A 499 19.41 2.73 -7.79
C GLU A 499 20.23 4.00 -7.47
N ALA A 500 19.55 5.11 -7.23
CA ALA A 500 20.23 6.37 -6.96
C ALA A 500 21.00 6.33 -5.63
N LEU A 501 20.39 5.77 -4.60
CA LEU A 501 21.03 5.70 -3.29
C LEU A 501 22.24 4.77 -3.32
N CYS A 502 22.12 3.69 -4.08
CA CYS A 502 23.20 2.72 -4.23
C CYS A 502 24.41 3.35 -4.91
N GLN A 503 24.18 4.12 -5.97
CA GLN A 503 25.30 4.78 -6.64
C GLN A 503 25.93 5.86 -5.78
N ALA A 504 25.11 6.58 -5.01
CA ALA A 504 25.60 7.58 -4.06
C ALA A 504 26.40 6.91 -2.93
N ALA A 505 26.02 5.67 -2.61
CA ALA A 505 26.73 4.84 -1.63
C ALA A 505 27.97 4.15 -2.20
N GLY A 506 28.23 4.34 -3.50
CA GLY A 506 29.42 3.80 -4.14
C GLY A 506 29.37 2.31 -4.47
N HIS A 507 28.18 1.76 -4.63
N HIS A 507 28.17 1.78 -4.62
CA HIS A 507 28.08 0.34 -4.93
CA HIS A 507 27.98 0.39 -5.00
C HIS A 507 28.15 0.09 -6.43
C HIS A 507 28.33 0.21 -6.46
N THR A 508 28.91 -0.94 -6.79
CA THR A 508 29.18 -1.31 -8.18
C THR A 508 28.69 -2.73 -8.41
N GLY A 509 28.43 -3.06 -9.67
CA GLY A 509 27.91 -4.37 -10.02
C GLY A 509 26.39 -4.39 -9.99
N PRO A 510 25.80 -5.60 -10.04
CA PRO A 510 24.36 -5.72 -10.24
C PRO A 510 23.59 -4.95 -9.15
N LEU A 511 22.61 -4.16 -9.58
CA LEU A 511 21.80 -3.39 -8.65
C LEU A 511 21.20 -4.25 -7.53
N HIS A 512 20.76 -5.47 -7.86
CA HIS A 512 20.08 -6.30 -6.85
C HIS A 512 20.99 -6.79 -5.73
N LYS A 513 22.31 -6.60 -5.87
CA LYS A 513 23.27 -6.94 -4.81
C LYS A 513 23.52 -5.80 -3.83
N CYS A 514 22.91 -4.64 -4.10
CA CYS A 514 23.16 -3.46 -3.26
C CYS A 514 22.49 -3.50 -1.88
N ASP A 515 23.24 -3.09 -0.87
CA ASP A 515 22.73 -2.95 0.49
C ASP A 515 23.23 -1.59 0.99
N ILE A 516 22.31 -0.65 1.19
CA ILE A 516 22.70 0.72 1.58
C ILE A 516 22.92 0.92 3.09
N TYR A 517 22.85 -0.17 3.87
CA TYR A 517 23.05 -0.08 5.32
C TYR A 517 24.24 0.81 5.68
N GLN A 518 23.99 1.78 6.57
CA GLN A 518 25.01 2.71 7.11
C GLN A 518 25.49 3.83 6.17
N SER A 519 24.93 3.94 4.97
CA SER A 519 25.35 4.99 4.05
C SER A 519 24.78 6.36 4.43
N LYS A 520 25.65 7.25 4.88
CA LYS A 520 25.21 8.61 5.21
C LYS A 520 24.89 9.39 3.96
N GLU A 521 25.53 9.00 2.85
CA GLU A 521 25.29 9.64 1.56
C GLU A 521 23.86 9.35 1.07
N ALA A 522 23.43 8.11 1.23
CA ALA A 522 22.07 7.70 0.86
C ALA A 522 21.07 8.40 1.79
N GLY A 523 21.36 8.36 3.10
CA GLY A 523 20.51 9.02 4.08
C GLY A 523 20.29 10.51 3.81
N GLN A 524 21.36 11.23 3.46
CA GLN A 524 21.23 12.65 3.21
C GLN A 524 20.31 12.97 2.01
N ARG A 525 20.39 12.17 0.96
CA ARG A 525 19.48 12.36 -0.17
C ARG A 525 18.02 12.18 0.21
N LEU A 526 17.74 11.12 0.96
CA LEU A 526 16.38 10.88 1.42
C LEU A 526 15.89 11.99 2.35
N ALA A 527 16.77 12.46 3.25
CA ALA A 527 16.40 13.48 4.23
C ALA A 527 16.06 14.81 3.56
N THR A 528 16.92 15.25 2.63
CA THR A 528 16.66 16.51 1.93
C THR A 528 15.33 16.47 1.18
N ALA A 529 15.04 15.33 0.54
CA ALA A 529 13.78 15.15 -0.17
C ALA A 529 12.59 15.16 0.79
N MET A 530 12.70 14.39 1.88
CA MET A 530 11.58 14.29 2.81
C MET A 530 11.26 15.61 3.50
N LYS A 531 12.30 16.39 3.80
CA LYS A 531 12.13 17.68 4.45
C LYS A 531 11.26 18.67 3.65
N LEU A 532 11.22 18.50 2.33
CA LEU A 532 10.38 19.35 1.47
C LEU A 532 8.87 19.15 1.69
N GLY A 533 8.51 18.03 2.31
CA GLY A 533 7.11 17.67 2.46
C GLY A 533 6.35 17.86 1.14
N PHE A 534 5.26 18.60 1.20
CA PHE A 534 4.40 18.89 0.04
C PHE A 534 4.58 20.36 -0.40
N SER A 535 5.72 20.96 -0.04
CA SER A 535 6.00 22.38 -0.34
C SER A 535 6.36 22.69 -1.80
N ARG A 536 6.79 21.69 -2.57
CA ARG A 536 7.21 21.90 -3.96
C ARG A 536 6.59 20.83 -4.87
N PRO A 537 6.43 21.13 -6.18
CA PRO A 537 6.09 20.09 -7.16
C PRO A 537 6.96 18.84 -6.93
N TRP A 538 6.34 17.65 -6.93
CA TRP A 538 7.09 16.41 -6.64
C TRP A 538 8.34 16.17 -7.51
N PRO A 539 8.37 16.67 -8.77
CA PRO A 539 9.61 16.39 -9.52
C PRO A 539 10.88 16.96 -8.88
N GLU A 540 10.76 17.97 -8.03
CA GLU A 540 11.92 18.53 -7.30
C GLU A 540 12.48 17.54 -6.27
N ALA A 541 11.61 16.90 -5.49
CA ALA A 541 12.05 15.82 -4.61
C ALA A 541 12.60 14.62 -5.42
N MET A 542 12.00 14.33 -6.56
CA MET A 542 12.52 13.26 -7.42
C MET A 542 13.96 13.58 -7.86
N GLN A 543 14.16 14.85 -8.21
CA GLN A 543 15.46 15.35 -8.68
C GLN A 543 16.51 15.27 -7.56
N LEU A 544 16.12 15.66 -6.35
CA LEU A 544 17.03 15.61 -5.19
C LEU A 544 17.56 14.21 -4.90
N ILE A 545 16.71 13.21 -5.08
CA ILE A 545 17.10 11.84 -4.81
C ILE A 545 17.86 11.22 -5.98
N THR A 546 17.34 11.40 -7.20
CA THR A 546 17.78 10.61 -8.37
C THR A 546 18.59 11.37 -9.43
N GLY A 547 18.67 12.69 -9.30
CA GLY A 547 19.40 13.49 -10.28
C GLY A 547 18.58 13.78 -11.54
N GLN A 548 17.34 13.33 -11.57
CA GLN A 548 16.44 13.63 -12.69
C GLN A 548 15.00 13.76 -12.18
N PRO A 549 14.07 14.32 -12.98
CA PRO A 549 12.74 14.63 -12.45
C PRO A 549 11.59 13.66 -12.76
N ASN A 550 11.81 12.65 -13.62
CA ASN A 550 10.71 11.77 -14.11
C ASN A 550 10.51 10.53 -13.25
N MET A 551 9.29 9.98 -13.28
CA MET A 551 9.11 8.58 -12.92
C MET A 551 9.59 7.73 -14.10
N SER A 552 10.24 6.60 -13.80
CA SER A 552 10.85 5.77 -14.83
C SER A 552 10.95 4.34 -14.34
N ALA A 553 10.57 3.41 -15.21
CA ALA A 553 10.64 1.98 -14.92
C ALA A 553 12.05 1.41 -15.11
N SER A 554 12.96 2.21 -15.68
CA SER A 554 14.28 1.66 -16.09
C SER A 554 15.03 1.03 -14.91
N ALA A 555 14.97 1.67 -13.74
CA ALA A 555 15.62 1.12 -12.55
C ALA A 555 15.08 -0.25 -12.14
N MET A 556 13.75 -0.38 -12.06
CA MET A 556 13.12 -1.67 -11.78
C MET A 556 13.49 -2.72 -12.84
N LEU A 557 13.47 -2.33 -14.10
CA LEU A 557 13.86 -3.24 -15.18
C LEU A 557 15.32 -3.67 -15.01
N SER A 558 16.19 -2.73 -14.64
CA SER A 558 17.60 -3.04 -14.45
C SER A 558 17.82 -4.02 -13.28
N TYR A 559 17.11 -3.77 -12.17
CA TYR A 559 17.16 -4.66 -10.99
C TYR A 559 16.85 -6.10 -11.39
N PHE A 560 15.80 -6.26 -12.19
CA PHE A 560 15.29 -7.58 -12.57
C PHE A 560 15.82 -8.15 -13.88
N LYS A 561 16.69 -7.42 -14.58
CA LYS A 561 17.20 -7.86 -15.88
C LYS A 561 17.70 -9.33 -15.91
N PRO A 562 18.58 -9.71 -14.96
CA PRO A 562 19.02 -11.12 -14.98
C PRO A 562 17.85 -12.11 -14.88
N LEU A 563 16.80 -11.75 -14.14
CA LEU A 563 15.63 -12.64 -14.01
C LEU A 563 14.81 -12.66 -15.29
N LEU A 564 14.69 -11.52 -15.96
CA LEU A 564 13.98 -11.48 -17.25
C LEU A 564 14.62 -12.45 -18.26
N ASP A 565 15.95 -12.41 -18.36
CA ASP A 565 16.71 -13.31 -19.23
C ASP A 565 16.48 -14.76 -18.85
N TRP A 566 16.55 -15.05 -17.55
CA TRP A 566 16.35 -16.41 -17.05
C TRP A 566 14.94 -16.91 -17.37
N LEU A 567 13.94 -16.05 -17.14
CA LEU A 567 12.54 -16.40 -17.37
C LEU A 567 12.21 -16.60 -18.85
N ARG A 568 12.76 -15.76 -19.72
CA ARG A 568 12.58 -15.93 -21.16
C ARG A 568 13.12 -17.28 -21.64
N THR A 569 14.33 -17.61 -21.19
CA THR A 569 14.94 -18.90 -21.55
C THR A 569 14.13 -20.08 -21.01
N GLU A 570 13.76 -20.03 -19.74
CA GLU A 570 12.95 -21.07 -19.12
C GLU A 570 11.59 -21.24 -19.81
N ASN A 571 10.86 -20.14 -19.98
CA ASN A 571 9.55 -20.17 -20.61
C ASN A 571 9.61 -20.64 -22.08
N GLU A 572 10.64 -20.22 -22.80
CA GLU A 572 10.80 -20.65 -24.19
C GLU A 572 11.07 -22.14 -24.29
N LEU A 573 11.88 -22.67 -23.39
CA LEU A 573 12.22 -24.08 -23.48
C LEU A 573 11.03 -24.99 -23.16
N HIS A 574 10.08 -24.46 -22.38
CA HIS A 574 8.85 -25.18 -22.07
C HIS A 574 7.70 -24.89 -23.01
N GLY A 575 7.92 -23.97 -23.95
CA GLY A 575 6.92 -23.60 -24.94
C GLY A 575 5.72 -22.82 -24.40
N GLU A 576 5.96 -21.99 -23.38
CA GLU A 576 4.86 -21.23 -22.79
C GLU A 576 4.28 -20.23 -23.78
N LYS A 577 2.97 -20.07 -23.74
CA LYS A 577 2.30 -19.02 -24.49
C LYS A 577 2.06 -17.91 -23.50
N LEU A 578 2.77 -16.79 -23.67
CA LEU A 578 2.69 -15.64 -22.76
C LEU A 578 1.33 -14.98 -22.84
N GLY A 579 0.78 -14.62 -21.68
CA GLY A 579 -0.55 -14.03 -21.62
C GLY A 579 -1.58 -15.12 -21.42
N TRP A 580 -2.83 -14.77 -21.70
CA TRP A 580 -3.93 -15.67 -21.48
C TRP A 580 -4.85 -15.54 -22.68
N PRO A 581 -4.39 -16.03 -23.85
CA PRO A 581 -5.19 -15.88 -25.06
C PRO A 581 -6.54 -16.57 -24.91
N GLN A 582 -6.58 -17.69 -24.18
CA GLN A 582 -7.84 -18.32 -23.79
C GLN A 582 -8.38 -17.59 -22.56
N TYR A 583 -8.78 -16.33 -22.77
CA TYR A 583 -9.17 -15.43 -21.70
C TYR A 583 -10.53 -15.72 -21.07
N ASN A 584 -11.39 -16.45 -21.79
CA ASN A 584 -12.70 -16.83 -21.27
C ASN A 584 -12.64 -18.03 -20.32
N TRP A 585 -11.48 -18.66 -20.24
CA TRP A 585 -11.34 -19.85 -19.39
C TRP A 585 -11.67 -19.55 -17.93
N THR A 586 -12.50 -20.40 -17.35
CA THR A 586 -12.73 -20.39 -15.90
C THR A 586 -12.67 -21.84 -15.41
N PRO A 587 -12.34 -22.06 -14.13
CA PRO A 587 -12.28 -23.41 -13.56
C PRO A 587 -13.54 -24.26 -13.84
N ASN A 588 -13.34 -25.51 -14.22
CA ASN A 588 -14.46 -26.41 -14.44
C ASN A 588 -14.97 -26.98 -13.11
N SER A 589 -14.05 -27.27 -12.19
CA SER A 589 -14.43 -27.78 -10.88
C SER A 589 -13.66 -27.11 -9.74
C1 NAG B . 7.42 32.84 1.03
C2 NAG B . 8.89 33.25 1.03
C3 NAG B . 9.75 32.21 1.76
C4 NAG B . 9.11 31.75 3.08
C5 NAG B . 7.62 31.46 2.92
C6 NAG B . 6.93 31.13 4.25
C7 NAG B . 9.89 34.53 -0.78
C8 NAG B . 10.36 34.53 -2.20
N2 NAG B . 9.39 33.40 -0.32
O3 NAG B . 11.00 32.79 2.02
O4 NAG B . 9.77 30.56 3.46
O5 NAG B . 6.97 32.57 2.33
O6 NAG B . 7.26 32.14 5.18
O7 NAG B . 9.96 35.56 -0.10
C1 NAG B . 10.52 30.68 4.68
C2 NAG B . 10.78 29.24 5.15
C3 NAG B . 11.78 29.18 6.30
C4 NAG B . 13.01 30.02 5.96
C5 NAG B . 12.56 31.45 5.66
C6 NAG B . 13.71 32.41 5.42
C7 NAG B . 8.85 27.77 4.76
C8 NAG B . 7.58 27.21 5.34
N2 NAG B . 9.54 28.61 5.55
O3 NAG B . 12.17 27.84 6.49
O4 NAG B . 13.92 29.96 7.04
O5 NAG B . 11.71 31.42 4.52
O6 NAG B . 14.47 31.99 4.32
O7 NAG B . 9.19 27.45 3.61
C1 FUC B . 6.95 31.74 6.51
C2 FUC B . 7.52 32.77 7.49
C3 FUC B . 6.78 34.10 7.33
C4 FUC B . 5.28 33.89 7.51
C5 FUC B . 4.78 32.77 6.59
C6 FUC B . 3.34 32.42 6.89
O2 FUC B . 8.91 32.94 7.27
O3 FUC B . 7.25 35.05 8.26
O4 FUC B . 4.99 33.51 8.84
O5 FUC B . 5.56 31.59 6.75
ZN ZN C . 1.98 2.82 3.55
CL CL D . -2.85 8.13 -4.15
CL CL E . -11.07 -10.31 -5.47
C ACT F . 16.78 -16.68 -1.68
O ACT F . 17.74 -17.06 -2.39
OXT ACT F . 15.60 -16.95 -1.98
CH3 ACT F . 17.07 -15.90 -0.44
C ACT G . -20.51 -16.93 -4.41
O ACT G . -20.52 -15.75 -4.05
OXT ACT G . -19.99 -17.28 -5.48
CH3 ACT G . -21.13 -17.96 -3.51
C ACT H . -14.81 8.41 9.89
O ACT H . -14.39 9.07 8.92
OXT ACT H . -14.10 7.57 10.49
CH3 ACT H . -16.21 8.63 10.38
C1 PEG I . 14.63 -13.24 0.75
O1 PEG I . 13.41 -12.49 0.94
C2 PEG I . 14.56 -14.55 1.54
O2 PEG I . 13.66 -15.47 0.90
C3 PEG I . 13.58 -16.73 1.57
C4 PEG I . 12.56 -17.62 0.86
O4 PEG I . 11.20 -17.28 1.21
OAB 3EF J . -0.42 4.57 7.34
CAH 3EF J . 0.35 10.92 4.80
CAK 3EF J . -0.18 10.76 6.08
CAL 3EF J . 0.85 9.80 4.13
CAQ 3EF J . -0.22 9.51 6.69
CAR 3EF J . 0.82 8.54 4.74
CBB 3EF J . 0.26 7.10 6.65
OBJ 3EF J . -0.41 6.18 5.74
CBM 3EF J . -0.65 4.92 6.18
CBP 3EF J . 0.29 8.39 6.03
OAD 3EF J . -0.07 1.93 3.42
PBY 3EF J . -0.13 1.69 4.88
OAG 3EF J . 1.08 2.02 5.66
CBX 3EF J . -1.50 2.67 5.59
NBI 3EF J . -1.14 4.06 5.28
CBE 3EF J . -2.88 2.40 4.96
CBQ 3EF J . -3.87 3.23 5.57
CAS 3EF J . -4.58 2.78 6.68
CAM 3EF J . -5.55 3.58 7.30
CAI 3EF J . -5.81 4.86 6.81
CAN 3EF J . -5.09 5.35 5.71
CAT 3EF J . -4.13 4.53 5.09
OAC 3EF J . -1.92 -0.87 3.05
CAJ 3EF J . 2.94 -8.92 1.87
CAO 3EF J . 3.69 -7.83 1.42
CAP 3EF J . 1.89 -8.69 2.77
CAU 3EF J . 3.41 -6.53 1.86
CAV 3EF J . 1.61 -7.40 3.21
CBA 3EF J . 1.05 -4.58 3.87
CBC 3EF J . 0.31 -2.34 4.90
CBF 3EF J . -0.52 -0.02 5.22
NBG 3EF J . 3.00 -4.06 3.05
OBK 3EF J . 2.46 -2.88 3.66
CBN 3EF J . -0.72 -1.11 3.01
CBS 3EF J . 1.27 -3.28 4.15
CBT 3EF J . 2.34 -6.30 2.75
CBU 3EF J . 2.11 -5.04 3.20
CBV 3EF J . 0.20 -0.95 4.23
N 3EF J . -0.09 -1.55 1.91
CA 3EF J . -0.84 -1.85 0.70
C 3EF J . -1.63 -3.17 0.90
O 3EF J . -2.38 -3.52 -0.02
CB 3EF J . 0.10 -1.94 -0.53
CG 3EF J . 1.37 -2.50 -0.40
CD1 3EF J . 1.59 -3.82 -0.79
CD2 3EF J . 2.45 -1.71 0.04
CE1 3EF J . 2.88 -4.37 -0.70
CE2 3EF J . 3.74 -2.27 0.13
CZ 3EF J . 3.95 -3.59 -0.24
OH 3EF J . 5.21 -4.13 -0.17
OXT 3EF J . -1.50 -3.78 2.00
C1 NAG K . -11.81 0.72 25.47
C2 NAG K . -10.83 1.02 26.60
C3 NAG K . -11.56 1.27 27.92
C4 NAG K . -12.63 2.36 27.73
C5 NAG K . -13.56 1.91 26.61
C6 NAG K . -14.64 2.95 26.30
C7 NAG K . -8.55 0.09 26.60
C8 NAG K . -7.75 -1.17 26.73
N2 NAG K . -9.87 -0.07 26.71
O3 NAG K . -10.68 1.67 28.94
O4 NAG K . -13.34 2.59 28.93
O5 NAG K . -12.82 1.72 25.43
O6 NAG K . -15.45 2.41 25.30
O7 NAG K . -7.98 1.17 26.40
#